data_1QJX
#
_entry.id   1QJX
#
_cell.length_a   362.600
_cell.length_b   347.100
_cell.length_c   334.900
_cell.angle_alpha   90.00
_cell.angle_beta   90.00
_cell.angle_gamma   90.00
#
_symmetry.space_group_name_H-M   'P 2 21 21'
#
loop_
_entity.id
_entity.type
_entity.pdbx_description
1 polymer 'PROTEIN VP1'
2 polymer 'PROTEIN VP2'
3 polymer 'PROTEIN VP3'
4 polymer 'PROTEIN VP4'
5 non-polymer 'ZINC ION'
6 non-polymer 2,6-DIMETHYL-1-(3-[3-METHYL-5-ISOXAZOLYL]-PROPANYL)-4-[4-METHYL-2H-TETRAZOL-2-YL]-PHENOL
7 non-polymer 'MYRISTIC ACID'
8 water water
#
loop_
_entity_poly.entity_id
_entity_poly.type
_entity_poly.pdbx_seq_one_letter_code
_entity_poly.pdbx_strand_id
1 'polypeptide(L)'
;NPVERYVDEVLNEVLVVPNINQSHPTTSNAAPVLDAAETGHTNKIQPEDTIETRYVQSSQTLDEMSVESFLGRSGCIHES
VLDIVDNYNDQSFTKWNINLQEMAQIRRKFEMFTYARFDSEITMVPSVAAKDGHIGHIVMQYMYVPPGAPIPTTRDDYAW
QSGTNASVFWQHGQPFPRFSLPFLSIASAYYMFYDGYDGDTYKSRYGTVVTNDMGTLCSRIVTSEQLHKVKVVTRIYHKA
KHTKAWCPRPPRAVQYSHTHTTNYKLSSEVHNDVAIRPRTNLTTV
;
1
2 'polypeptide(L)'
;SPSVEACGYSDRIIQITRGDSTITSQDVANAVVGYGVWPHYLTPQDATAIDKPTQPDTSSNRFYTLDSKMWNSTSKGWWW
KLPDALKDMGIFGENMFYHFLGRSGYTVHVQCNASKFHQGTLLVVMIPEHQLATVNKGNVNAGYKYTHPGEAGREVGTQV
ENEKQPSDDNWLNFDGTLLGNLLIFPHQFINLRSNNSATLIVPYVNAVPMDSMVRHNNWSLVIIPVCQLQSNNISNIVPI
TVSISPMCAEFSGARAKTVVQ
;
2
3 'polypeptide(L)'
;GLPVYVTPGSGQFMTTDDMQSPCALPWYHPTKEIFIPGEVKNLIEMCQVDTLIPINSTQSNIGNVSMYTVTLSPQTKLAE
EIFAIKVDIASHPLATTLIGEIASYFTHWTGSLRFSFMFCGTANTTLKVLLAYTPPGIGKPRSRKEAMLGTHVVWDVGLQ
STVSLVVPWISASQYRFTTPDTYSSAGYITCWYQTNFVVPPNTPNTAEMLCFVSGCKDFCLRMARDTDLHKQTGPITQ
;
3
4 'polypeptide(L)' GAQVSRQNVGTHSTQNMVSNGSSLNYFNINYFKDAASSGASRLDFSQDPSKFTDPVKDVLEKGIPTLQ 4
#
# COMPACT_ATOMS: atom_id res chain seq x y z
N ASN A 1 -10.46 -29.15 16.10
CA ASN A 1 -10.58 -30.42 15.32
C ASN A 1 -10.26 -30.20 13.85
N PRO A 2 -9.18 -30.84 13.36
CA PRO A 2 -8.76 -30.71 11.96
C PRO A 2 -9.94 -31.00 11.01
N VAL A 3 -10.90 -31.80 11.47
CA VAL A 3 -12.06 -32.13 10.63
C VAL A 3 -13.03 -30.94 10.60
N GLU A 4 -13.31 -30.35 11.77
CA GLU A 4 -14.20 -29.18 11.84
C GLU A 4 -13.59 -28.03 11.02
N ARG A 5 -12.26 -27.92 11.12
CA ARG A 5 -11.51 -26.89 10.39
C ARG A 5 -11.63 -27.21 8.91
N TYR A 6 -11.60 -28.52 8.62
CA TYR A 6 -11.73 -28.97 7.24
C TYR A 6 -13.07 -28.49 6.67
N VAL A 7 -14.15 -28.74 7.40
CA VAL A 7 -15.47 -28.32 6.95
C VAL A 7 -15.50 -26.81 6.69
N ASP A 8 -14.85 -26.04 7.56
CA ASP A 8 -14.79 -24.59 7.41
C ASP A 8 -14.07 -24.22 6.11
N GLU A 9 -13.08 -25.04 5.72
CA GLU A 9 -12.34 -24.81 4.48
C GLU A 9 -13.24 -25.06 3.26
N VAL A 10 -13.97 -26.17 3.29
CA VAL A 10 -14.86 -26.54 2.20
C VAL A 10 -15.97 -25.49 2.03
N LEU A 11 -16.45 -24.99 3.17
CA LEU A 11 -17.53 -24.00 3.17
C LEU A 11 -17.02 -22.56 3.12
N ASN A 12 -15.71 -22.40 3.28
CA ASN A 12 -15.10 -21.07 3.26
C ASN A 12 -15.68 -20.19 4.36
N GLU A 13 -15.72 -20.75 5.57
CA GLU A 13 -16.26 -20.05 6.73
C GLU A 13 -15.23 -20.03 7.86
N VAL A 14 -13.97 -19.81 7.50
CA VAL A 14 -12.89 -19.78 8.48
C VAL A 14 -12.84 -18.46 9.25
N LEU A 15 -13.15 -17.35 8.57
CA LEU A 15 -13.13 -16.04 9.21
C LEU A 15 -14.51 -15.40 9.09
N VAL A 16 -15.28 -15.44 10.18
CA VAL A 16 -16.62 -14.88 10.16
C VAL A 16 -16.63 -13.43 10.62
N VAL A 17 -17.61 -12.68 10.14
CA VAL A 17 -17.73 -11.29 10.53
C VAL A 17 -18.72 -11.22 11.68
N PRO A 18 -18.53 -10.30 12.62
CA PRO A 18 -19.42 -10.17 13.76
C PRO A 18 -20.86 -9.79 13.43
N ASN A 19 -21.76 -10.10 14.36
CA ASN A 19 -23.17 -9.82 14.22
C ASN A 19 -23.42 -8.37 14.56
N ILE A 20 -24.63 -7.90 14.30
CA ILE A 20 -24.99 -6.55 14.66
C ILE A 20 -25.95 -6.79 15.82
N ASN A 21 -25.79 -6.08 16.91
CA ASN A 21 -26.66 -6.26 18.07
C ASN A 21 -27.70 -5.18 18.15
N GLN A 22 -28.77 -5.48 18.84
CA GLN A 22 -29.83 -4.51 19.01
C GLN A 22 -29.31 -3.38 19.88
N SER A 23 -29.70 -2.15 19.58
CA SER A 23 -29.26 -1.02 20.37
C SER A 23 -30.47 -0.19 20.74
N HIS A 24 -30.29 0.77 21.64
CA HIS A 24 -31.42 1.59 22.08
C HIS A 24 -31.14 3.08 22.16
N PRO A 25 -32.19 3.90 22.36
CA PRO A 25 -31.98 5.34 22.47
C PRO A 25 -31.04 5.62 23.62
N THR A 26 -30.22 6.65 23.49
CA THR A 26 -29.29 6.99 24.56
C THR A 26 -29.21 8.48 24.75
N THR A 27 -28.91 8.86 25.97
CA THR A 27 -28.76 10.26 26.34
C THR A 27 -27.62 10.18 27.33
N SER A 28 -26.42 10.49 26.88
CA SER A 28 -25.27 10.37 27.74
C SER A 28 -24.19 11.41 27.44
N ASN A 29 -23.31 11.65 28.41
CA ASN A 29 -22.24 12.63 28.18
C ASN A 29 -20.99 11.93 27.64
N ALA A 30 -21.20 10.73 27.11
CA ALA A 30 -20.15 9.96 26.49
C ALA A 30 -20.55 10.02 25.01
N ALA A 31 -19.73 10.64 24.17
CA ALA A 31 -20.06 10.76 22.76
C ALA A 31 -19.07 10.02 21.87
N PRO A 32 -19.35 8.74 21.60
CA PRO A 32 -18.47 7.93 20.75
C PRO A 32 -18.25 8.55 19.36
N VAL A 33 -19.27 9.19 18.80
CA VAL A 33 -19.15 9.79 17.48
C VAL A 33 -18.08 10.89 17.40
N LEU A 34 -17.75 11.49 18.53
CA LEU A 34 -16.75 12.54 18.55
C LEU A 34 -15.37 11.98 18.88
N ASP A 35 -14.35 12.45 18.17
CA ASP A 35 -12.99 11.98 18.38
C ASP A 35 -11.98 12.98 17.82
N ALA A 36 -10.77 12.52 17.52
CA ALA A 36 -9.73 13.38 16.99
C ALA A 36 -8.83 12.61 16.02
N ALA A 37 -9.04 12.80 14.72
CA ALA A 37 -8.26 12.11 13.70
C ALA A 37 -6.78 12.50 13.77
N GLU A 38 -6.49 13.59 14.48
CA GLU A 38 -5.12 14.06 14.63
C GLU A 38 -4.24 12.97 15.21
N THR A 39 -4.81 12.18 16.10
CA THR A 39 -4.10 11.08 16.76
C THR A 39 -3.51 10.08 15.80
N GLY A 40 -4.14 9.92 14.63
CA GLY A 40 -3.65 8.98 13.65
C GLY A 40 -4.40 7.67 13.73
N HIS A 41 -5.33 7.57 14.67
CA HIS A 41 -6.14 6.38 14.86
C HIS A 41 -7.53 6.56 14.24
N THR A 42 -8.11 5.47 13.76
CA THR A 42 -9.44 5.51 13.18
C THR A 42 -10.48 5.32 14.28
N ASN A 43 -11.49 6.19 14.34
CA ASN A 43 -12.53 6.08 15.34
C ASN A 43 -13.25 4.74 15.17
N LYS A 44 -13.20 3.91 16.22
CA LYS A 44 -13.81 2.59 16.16
C LYS A 44 -15.32 2.49 16.35
N ILE A 45 -16.02 3.60 16.13
CA ILE A 45 -17.47 3.62 16.28
C ILE A 45 -18.15 2.62 15.35
N GLN A 46 -19.22 1.98 15.81
CA GLN A 46 -19.96 1.02 15.00
C GLN A 46 -21.42 1.45 14.87
N PRO A 47 -22.18 0.83 13.94
CA PRO A 47 -23.59 1.20 13.77
C PRO A 47 -24.43 1.29 15.02
N GLU A 48 -24.25 0.34 15.94
CA GLU A 48 -25.03 0.35 17.15
C GLU A 48 -24.88 1.62 17.97
N ASP A 49 -23.79 2.34 17.74
CA ASP A 49 -23.50 3.57 18.46
C ASP A 49 -24.22 4.81 17.95
N THR A 50 -24.59 4.82 16.67
CA THR A 50 -25.24 6.01 16.13
C THR A 50 -26.72 5.90 15.77
N ILE A 51 -27.24 4.69 15.71
CA ILE A 51 -28.66 4.50 15.39
C ILE A 51 -29.20 3.33 16.21
N GLU A 52 -30.51 3.19 16.21
CA GLU A 52 -31.13 2.09 16.94
C GLU A 52 -31.20 0.91 15.98
N THR A 53 -30.30 -0.04 16.17
CA THR A 53 -30.23 -1.22 15.32
C THR A 53 -31.02 -2.40 15.86
N ARG A 54 -31.26 -3.37 14.98
CA ARG A 54 -31.95 -4.60 15.36
C ARG A 54 -30.85 -5.63 15.49
N TYR A 55 -31.18 -6.82 15.95
CA TYR A 55 -30.18 -7.85 16.07
C TYR A 55 -30.14 -8.59 14.72
N VAL A 56 -28.95 -8.74 14.15
CA VAL A 56 -28.83 -9.44 12.86
C VAL A 56 -27.69 -10.43 12.91
N GLN A 57 -27.95 -11.64 12.44
CA GLN A 57 -26.94 -12.70 12.44
C GLN A 57 -26.13 -12.70 11.14
N SER A 58 -24.86 -12.36 11.26
CA SER A 58 -23.97 -12.32 10.10
C SER A 58 -23.56 -13.70 9.62
N SER A 59 -23.42 -13.84 8.31
CA SER A 59 -23.02 -15.11 7.71
C SER A 59 -21.98 -14.85 6.64
N GLN A 60 -21.39 -13.67 6.67
CA GLN A 60 -20.38 -13.30 5.72
C GLN A 60 -19.03 -13.75 6.27
N THR A 61 -18.13 -14.13 5.38
CA THR A 61 -16.81 -14.56 5.82
C THR A 61 -15.75 -13.79 5.06
N LEU A 62 -14.59 -13.64 5.69
CA LEU A 62 -13.51 -12.89 5.12
C LEU A 62 -12.45 -13.74 4.46
N ASP A 63 -12.73 -15.03 4.30
CA ASP A 63 -11.76 -15.95 3.70
C ASP A 63 -11.21 -15.43 2.38
N GLU A 64 -12.12 -15.06 1.47
CA GLU A 64 -11.73 -14.59 0.16
C GLU A 64 -10.89 -13.31 0.15
N MET A 65 -10.90 -12.57 1.25
CA MET A 65 -10.15 -11.33 1.34
C MET A 65 -8.78 -11.55 1.96
N SER A 66 -8.43 -12.80 2.18
CA SER A 66 -7.14 -13.13 2.78
C SER A 66 -6.03 -12.82 1.80
N VAL A 67 -4.84 -12.57 2.33
CA VAL A 67 -3.70 -12.29 1.47
C VAL A 67 -3.42 -13.48 0.57
N GLU A 68 -3.60 -14.69 1.09
CA GLU A 68 -3.35 -15.88 0.30
C GLU A 68 -4.29 -15.89 -0.89
N SER A 69 -5.53 -15.48 -0.66
CA SER A 69 -6.51 -15.46 -1.74
C SER A 69 -6.27 -14.32 -2.70
N PHE A 70 -5.98 -13.14 -2.18
CA PHE A 70 -5.73 -11.98 -3.02
C PHE A 70 -4.61 -12.18 -4.02
N LEU A 71 -3.50 -12.76 -3.58
CA LEU A 71 -2.36 -12.97 -4.44
C LEU A 71 -2.27 -14.39 -5.00
N GLY A 72 -3.17 -15.27 -4.56
CA GLY A 72 -3.15 -16.65 -5.00
C GLY A 72 -3.86 -16.96 -6.29
N ARG A 73 -3.80 -16.06 -7.26
CA ARG A 73 -4.45 -16.29 -8.55
C ARG A 73 -3.42 -16.14 -9.66
N SER A 74 -3.37 -17.14 -10.55
CA SER A 74 -2.42 -17.14 -11.63
C SER A 74 -2.64 -16.05 -12.68
N GLY A 75 -1.64 -15.20 -12.87
CA GLY A 75 -1.77 -14.13 -13.84
C GLY A 75 -0.57 -14.11 -14.77
N CYS A 76 -0.74 -13.53 -15.97
CA CYS A 76 0.35 -13.49 -16.93
C CYS A 76 1.44 -12.51 -16.52
N ILE A 77 2.70 -12.93 -16.64
CA ILE A 77 3.80 -12.06 -16.28
C ILE A 77 4.80 -11.89 -17.40
N HIS A 78 4.61 -12.63 -18.48
CA HIS A 78 5.54 -12.55 -19.60
C HIS A 78 5.00 -13.27 -20.82
N GLU A 79 5.30 -12.72 -21.99
CA GLU A 79 4.89 -13.34 -23.25
C GLU A 79 6.16 -13.48 -24.07
N SER A 80 6.67 -14.70 -24.13
CA SER A 80 7.90 -14.98 -24.86
C SER A 80 7.58 -15.33 -26.30
N VAL A 81 8.27 -14.67 -27.23
CA VAL A 81 8.04 -14.91 -28.65
C VAL A 81 9.25 -15.48 -29.39
N LEU A 82 8.99 -16.48 -30.21
CA LEU A 82 10.03 -17.10 -31.02
C LEU A 82 9.38 -17.11 -32.40
N ASP A 83 9.74 -16.12 -33.21
CA ASP A 83 9.19 -15.97 -34.55
C ASP A 83 10.23 -16.35 -35.60
N ILE A 84 10.08 -17.51 -36.21
CA ILE A 84 11.03 -17.93 -37.22
C ILE A 84 10.72 -17.17 -38.51
N VAL A 85 11.60 -16.23 -38.86
CA VAL A 85 11.38 -15.44 -40.06
C VAL A 85 12.30 -15.86 -41.21
N ASP A 86 13.60 -15.67 -41.03
CA ASP A 86 14.54 -16.02 -42.09
C ASP A 86 15.83 -16.68 -41.64
N ASN A 87 16.03 -16.82 -40.33
CA ASN A 87 17.24 -17.46 -39.83
C ASN A 87 16.93 -18.32 -38.62
N TYR A 88 16.76 -19.61 -38.84
CA TYR A 88 16.42 -20.53 -37.77
C TYR A 88 17.39 -20.54 -36.61
N ASN A 89 18.69 -20.60 -36.90
CA ASN A 89 19.65 -20.63 -35.81
C ASN A 89 19.55 -19.41 -34.91
N ASP A 90 19.25 -18.25 -35.47
CA ASP A 90 19.18 -17.06 -34.62
C ASP A 90 17.82 -16.83 -34.00
N GLN A 91 16.77 -17.22 -34.71
CA GLN A 91 15.43 -16.98 -34.21
C GLN A 91 14.76 -18.11 -33.42
N SER A 92 15.44 -19.24 -33.28
CA SER A 92 14.85 -20.37 -32.57
C SER A 92 15.13 -20.42 -31.07
N PHE A 93 15.64 -19.33 -30.50
CA PHE A 93 15.91 -19.29 -29.07
C PHE A 93 15.94 -17.85 -28.57
N THR A 94 15.73 -17.66 -27.28
CA THR A 94 15.73 -16.33 -26.72
C THR A 94 15.97 -16.37 -25.23
N LYS A 95 15.95 -15.21 -24.59
CA LYS A 95 16.18 -15.13 -23.16
C LYS A 95 15.42 -13.96 -22.56
N TRP A 96 15.09 -14.06 -21.28
CA TRP A 96 14.34 -13.02 -20.60
C TRP A 96 14.88 -12.81 -19.18
N ASN A 97 15.10 -11.57 -18.79
CA ASN A 97 15.56 -11.29 -17.45
C ASN A 97 14.30 -11.31 -16.61
N ILE A 98 14.17 -12.35 -15.79
CA ILE A 98 12.98 -12.55 -14.96
C ILE A 98 12.62 -11.43 -14.00
N ASN A 99 11.33 -11.13 -13.91
CA ASN A 99 10.81 -10.10 -13.00
C ASN A 99 9.29 -10.14 -13.04
N LEU A 100 8.66 -9.55 -12.01
CA LEU A 100 7.20 -9.51 -11.95
C LEU A 100 6.73 -8.10 -12.16
N GLN A 101 7.49 -7.32 -12.92
CA GLN A 101 7.14 -5.92 -13.16
C GLN A 101 6.62 -5.57 -14.55
N GLU A 102 6.61 -6.51 -15.48
CA GLU A 102 6.16 -6.20 -16.83
C GLU A 102 4.68 -6.20 -17.12
N MET A 103 3.87 -6.80 -16.26
CA MET A 103 2.44 -6.82 -16.49
C MET A 103 1.76 -6.11 -15.33
N ALA A 104 1.05 -5.04 -15.65
CA ALA A 104 0.39 -4.22 -14.64
C ALA A 104 -0.57 -4.93 -13.70
N GLN A 105 -1.41 -5.82 -14.22
CA GLN A 105 -2.38 -6.48 -13.35
C GLN A 105 -1.84 -7.12 -12.08
N ILE A 106 -0.87 -8.03 -12.20
CA ILE A 106 -0.36 -8.65 -10.99
C ILE A 106 0.66 -7.75 -10.28
N ARG A 107 1.36 -6.92 -11.03
CA ARG A 107 2.34 -6.04 -10.41
C ARG A 107 1.66 -5.13 -9.39
N ARG A 108 0.56 -4.50 -9.78
CA ARG A 108 -0.15 -3.59 -8.90
C ARG A 108 -0.60 -4.24 -7.60
N LYS A 109 -1.02 -5.50 -7.67
CA LYS A 109 -1.46 -6.20 -6.48
C LYS A 109 -0.31 -6.45 -5.50
N PHE A 110 0.79 -7.01 -5.99
CA PHE A 110 1.91 -7.25 -5.10
C PHE A 110 2.40 -5.94 -4.53
N GLU A 111 2.37 -4.89 -5.34
CA GLU A 111 2.87 -3.59 -4.88
C GLU A 111 1.99 -2.87 -3.90
N MET A 112 1.05 -3.58 -3.30
CA MET A 112 0.18 -2.96 -2.31
C MET A 112 0.77 -3.24 -0.94
N PHE A 113 1.95 -3.87 -0.96
CA PHE A 113 2.68 -4.24 0.23
C PHE A 113 4.13 -3.85 0.02
N THR A 114 4.85 -3.63 1.11
CA THR A 114 6.24 -3.25 1.00
C THR A 114 7.14 -4.47 0.88
N TYR A 115 6.84 -5.51 1.66
CA TYR A 115 7.61 -6.74 1.62
C TYR A 115 6.63 -7.87 1.49
N ALA A 116 7.06 -8.95 0.88
CA ALA A 116 6.21 -10.11 0.71
C ALA A 116 7.09 -11.34 0.57
N ARG A 117 6.64 -12.45 1.14
CA ARG A 117 7.37 -13.70 1.09
C ARG A 117 6.41 -14.76 0.59
N PHE A 118 6.80 -15.49 -0.44
CA PHE A 118 5.91 -16.51 -0.97
C PHE A 118 6.63 -17.52 -1.85
N ASP A 119 5.95 -18.62 -2.14
CA ASP A 119 6.48 -19.64 -3.01
C ASP A 119 5.79 -19.33 -4.32
N SER A 120 6.35 -19.80 -5.43
CA SER A 120 5.74 -19.51 -6.72
C SER A 120 5.31 -20.74 -7.50
N GLU A 121 4.18 -20.62 -8.20
CA GLU A 121 3.73 -21.70 -9.05
C GLU A 121 3.76 -21.10 -10.45
N ILE A 122 4.53 -21.72 -11.34
CA ILE A 122 4.64 -21.25 -12.70
C ILE A 122 3.92 -22.19 -13.64
N THR A 123 3.04 -21.65 -14.48
CA THR A 123 2.32 -22.45 -15.46
C THR A 123 2.60 -21.80 -16.79
N MET A 124 2.93 -22.61 -17.79
CA MET A 124 3.23 -22.08 -19.11
C MET A 124 2.22 -22.48 -20.16
N VAL A 125 1.87 -21.53 -21.00
CA VAL A 125 0.91 -21.79 -22.06
C VAL A 125 1.53 -21.49 -23.41
N PRO A 126 2.12 -22.51 -24.06
CA PRO A 126 2.74 -22.30 -25.37
C PRO A 126 1.70 -22.51 -26.48
N SER A 127 1.75 -21.66 -27.50
CA SER A 127 0.84 -21.78 -28.64
C SER A 127 1.68 -21.63 -29.90
N VAL A 128 1.61 -22.62 -30.77
CA VAL A 128 2.37 -22.65 -32.01
C VAL A 128 1.53 -22.21 -33.21
N ALA A 129 1.90 -21.09 -33.83
CA ALA A 129 1.16 -20.59 -34.99
C ALA A 129 1.80 -21.13 -36.27
N ALA A 130 1.01 -21.84 -37.07
CA ALA A 130 1.52 -22.39 -38.32
C ALA A 130 1.50 -21.31 -39.39
N LYS A 131 2.61 -20.58 -39.50
CA LYS A 131 2.72 -19.51 -40.46
C LYS A 131 2.68 -20.03 -41.91
N ASP A 132 3.29 -21.19 -42.14
CA ASP A 132 3.33 -21.77 -43.47
C ASP A 132 2.41 -22.97 -43.66
N GLY A 133 1.57 -23.28 -42.67
CA GLY A 133 0.64 -24.40 -42.82
C GLY A 133 0.80 -25.63 -41.94
N HIS A 134 2.03 -26.01 -41.62
CA HIS A 134 2.29 -27.15 -40.75
C HIS A 134 3.08 -26.75 -39.56
N ILE A 135 2.99 -27.55 -38.50
CA ILE A 135 3.77 -27.26 -37.29
C ILE A 135 4.74 -28.40 -37.01
N GLY A 136 4.56 -29.54 -37.70
CA GLY A 136 5.45 -30.65 -37.47
C GLY A 136 5.44 -31.12 -36.02
N HIS A 137 6.61 -31.45 -35.49
CA HIS A 137 6.72 -31.92 -34.11
C HIS A 137 7.48 -30.90 -33.27
N ILE A 138 6.75 -30.08 -32.52
CA ILE A 138 7.42 -29.07 -31.70
C ILE A 138 7.73 -29.51 -30.28
N VAL A 139 8.99 -29.38 -29.91
CA VAL A 139 9.45 -29.72 -28.56
C VAL A 139 10.17 -28.48 -28.04
N MET A 140 9.78 -27.98 -26.88
CA MET A 140 10.40 -26.78 -26.31
C MET A 140 11.26 -27.07 -25.09
N GLN A 141 12.24 -26.22 -24.84
CA GLN A 141 13.08 -26.37 -23.66
C GLN A 141 13.16 -25.03 -22.96
N TYR A 142 12.72 -24.99 -21.71
CA TYR A 142 12.77 -23.77 -20.91
C TYR A 142 13.79 -24.04 -19.82
N MET A 143 14.90 -23.32 -19.85
CA MET A 143 15.95 -23.53 -18.87
C MET A 143 16.12 -22.34 -17.96
N TYR A 144 16.18 -22.59 -16.66
CA TYR A 144 16.36 -21.51 -15.71
C TYR A 144 17.84 -21.30 -15.47
N VAL A 145 18.33 -20.12 -15.77
CA VAL A 145 19.73 -19.83 -15.58
C VAL A 145 19.91 -18.85 -14.44
N PRO A 146 20.28 -19.36 -13.26
CA PRO A 146 20.48 -18.49 -12.10
C PRO A 146 21.64 -17.53 -12.37
N PRO A 147 21.62 -16.37 -11.71
CA PRO A 147 22.70 -15.40 -11.92
C PRO A 147 24.08 -16.03 -11.75
N GLY A 148 24.90 -15.91 -12.79
CA GLY A 148 26.24 -16.46 -12.73
C GLY A 148 26.47 -17.60 -13.70
N ALA A 149 25.43 -18.42 -13.91
CA ALA A 149 25.55 -19.55 -14.82
C ALA A 149 25.71 -19.01 -16.24
N PRO A 150 26.40 -19.77 -17.11
CA PRO A 150 26.61 -19.35 -18.49
C PRO A 150 25.33 -19.26 -19.30
N ILE A 151 25.09 -18.11 -19.92
CA ILE A 151 23.90 -17.91 -20.76
C ILE A 151 24.21 -18.38 -22.19
N PRO A 152 23.37 -19.28 -22.74
CA PRO A 152 23.63 -19.76 -24.10
C PRO A 152 23.61 -18.63 -25.14
N THR A 153 24.55 -18.67 -26.08
CA THR A 153 24.61 -17.64 -27.11
C THR A 153 24.24 -18.16 -28.49
N THR A 154 23.93 -19.45 -28.60
CA THR A 154 23.52 -20.04 -29.88
C THR A 154 22.60 -21.19 -29.56
N ARG A 155 21.77 -21.59 -30.51
CA ARG A 155 20.83 -22.67 -30.27
C ARG A 155 21.47 -24.03 -29.95
N ASP A 156 22.77 -24.15 -30.10
CA ASP A 156 23.44 -25.43 -29.80
C ASP A 156 24.50 -25.27 -28.73
N ASP A 157 24.47 -24.12 -28.06
CA ASP A 157 25.42 -23.83 -27.00
C ASP A 157 25.50 -25.01 -26.01
N TYR A 158 26.68 -25.25 -25.47
CA TYR A 158 26.84 -26.36 -24.53
C TYR A 158 25.98 -26.18 -23.27
N ALA A 159 25.68 -24.93 -22.92
CA ALA A 159 24.88 -24.64 -21.74
C ALA A 159 23.50 -25.30 -21.76
N TRP A 160 23.02 -25.63 -22.95
CA TRP A 160 21.69 -26.26 -23.06
C TRP A 160 21.71 -27.68 -22.52
N GLN A 161 22.91 -28.19 -22.25
CA GLN A 161 23.06 -29.54 -21.73
C GLN A 161 22.35 -29.63 -20.40
N SER A 162 22.19 -28.50 -19.71
CA SER A 162 21.50 -28.45 -18.43
C SER A 162 22.02 -29.46 -17.41
N GLY A 163 23.34 -29.59 -17.33
CA GLY A 163 23.92 -30.53 -16.40
C GLY A 163 23.58 -30.26 -14.94
N THR A 164 23.20 -29.02 -14.64
CA THR A 164 22.86 -28.66 -13.28
C THR A 164 21.60 -27.80 -13.18
N ASN A 165 21.45 -26.85 -14.10
CA ASN A 165 20.29 -25.96 -14.11
C ASN A 165 19.05 -26.79 -14.32
N ALA A 166 17.91 -26.24 -13.89
CA ALA A 166 16.66 -26.95 -14.07
C ALA A 166 16.09 -26.58 -15.43
N SER A 167 15.71 -27.59 -16.19
CA SER A 167 15.13 -27.36 -17.51
C SER A 167 13.81 -28.10 -17.55
N VAL A 168 12.88 -27.59 -18.34
CA VAL A 168 11.57 -28.23 -18.51
C VAL A 168 11.37 -28.43 -19.99
N PHE A 169 11.11 -29.66 -20.39
CA PHE A 169 10.87 -29.96 -21.79
C PHE A 169 9.40 -30.21 -22.02
N TRP A 170 8.83 -29.50 -22.99
CA TRP A 170 7.43 -29.68 -23.30
C TRP A 170 7.30 -30.16 -24.74
N GLN A 171 6.36 -31.06 -24.93
CA GLN A 171 6.10 -31.63 -26.23
C GLN A 171 4.74 -31.14 -26.67
N HIS A 172 4.66 -30.56 -27.84
CA HIS A 172 3.39 -30.07 -28.36
C HIS A 172 2.37 -31.22 -28.29
N GLY A 173 1.17 -30.90 -27.81
CA GLY A 173 0.15 -31.92 -27.68
C GLY A 173 -0.04 -32.33 -26.23
N GLN A 174 1.04 -32.33 -25.46
CA GLN A 174 0.97 -32.69 -24.05
C GLN A 174 0.44 -31.51 -23.22
N PRO A 175 -0.10 -31.78 -22.03
CA PRO A 175 -0.63 -30.72 -21.18
C PRO A 175 0.37 -29.64 -20.81
N PHE A 176 -0.13 -28.48 -20.42
CA PHE A 176 0.69 -27.33 -20.06
C PHE A 176 1.68 -27.59 -18.94
N PRO A 177 2.95 -27.22 -19.16
CA PRO A 177 3.95 -27.45 -18.12
C PRO A 177 3.66 -26.61 -16.88
N ARG A 178 4.10 -27.09 -15.73
CA ARG A 178 3.89 -26.39 -14.47
C ARG A 178 4.82 -26.92 -13.41
N PHE A 179 5.38 -26.03 -12.60
CA PHE A 179 6.28 -26.43 -11.54
C PHE A 179 6.23 -25.37 -10.44
N SER A 180 6.76 -25.71 -9.27
CA SER A 180 6.78 -24.79 -8.15
C SER A 180 8.21 -24.38 -7.84
N LEU A 181 8.33 -23.22 -7.24
CA LEU A 181 9.62 -22.71 -6.83
C LEU A 181 9.53 -22.23 -5.40
N PRO A 182 10.55 -22.45 -4.59
CA PRO A 182 10.56 -22.00 -3.19
C PRO A 182 10.93 -20.53 -3.13
N PHE A 183 10.65 -19.90 -2.00
CA PHE A 183 11.00 -18.50 -1.80
C PHE A 183 12.50 -18.38 -2.18
N LEU A 184 12.80 -17.57 -3.18
CA LEU A 184 14.19 -17.46 -3.68
C LEU A 184 15.16 -16.42 -3.18
N SER A 185 14.70 -15.42 -2.45
CA SER A 185 15.60 -14.35 -2.00
C SER A 185 16.76 -14.72 -1.08
N ILE A 186 17.78 -13.86 -1.05
CA ILE A 186 18.93 -14.07 -0.17
C ILE A 186 18.61 -13.34 1.13
N ALA A 187 17.46 -12.66 1.12
CA ALA A 187 16.96 -11.93 2.29
C ALA A 187 15.77 -12.71 2.85
N SER A 188 15.10 -12.16 3.86
CA SER A 188 13.95 -12.86 4.46
C SER A 188 12.64 -12.62 3.77
N ALA A 189 12.59 -11.60 2.93
CA ALA A 189 11.36 -11.28 2.20
C ALA A 189 11.77 -10.59 0.92
N TYR A 190 10.88 -10.59 -0.07
CA TYR A 190 11.17 -9.91 -1.32
C TYR A 190 10.87 -8.43 -1.08
N TYR A 191 11.66 -7.55 -1.69
CA TYR A 191 11.44 -6.12 -1.56
C TYR A 191 10.51 -5.72 -2.69
N MET A 192 9.35 -5.15 -2.38
CA MET A 192 8.45 -4.69 -3.44
C MET A 192 8.90 -3.27 -3.75
N PHE A 193 9.53 -2.65 -2.76
CA PHE A 193 10.05 -1.30 -2.87
C PHE A 193 11.37 -1.25 -2.13
N TYR A 194 12.28 -0.41 -2.59
CA TYR A 194 13.58 -0.31 -1.98
C TYR A 194 14.15 1.09 -2.15
N ASP A 195 14.17 1.87 -1.07
CA ASP A 195 14.69 3.21 -1.10
C ASP A 195 16.18 3.17 -0.83
N GLY A 196 16.90 2.45 -1.69
CA GLY A 196 18.34 2.34 -1.52
C GLY A 196 19.10 2.23 -2.83
N TYR A 197 20.43 2.25 -2.73
CA TYR A 197 21.29 2.16 -3.90
C TYR A 197 22.30 1.03 -3.74
N ASP A 198 23.02 0.70 -4.80
CA ASP A 198 24.02 -0.35 -4.73
C ASP A 198 25.39 0.30 -4.58
N GLY A 199 25.39 1.58 -4.19
CA GLY A 199 26.62 2.32 -4.00
C GLY A 199 26.30 3.69 -3.43
N ASP A 200 27.29 4.56 -3.33
CA ASP A 200 27.08 5.90 -2.79
C ASP A 200 27.64 6.98 -3.72
N THR A 201 27.52 6.77 -5.03
CA THR A 201 28.00 7.75 -6.00
C THR A 201 26.85 8.15 -6.94
N TYR A 202 27.02 9.30 -7.59
CA TYR A 202 26.00 9.81 -8.51
C TYR A 202 25.58 8.79 -9.57
N LYS A 203 26.40 7.76 -9.79
CA LYS A 203 26.02 6.77 -10.79
C LYS A 203 25.55 5.43 -10.23
N SER A 204 25.26 5.39 -8.93
CA SER A 204 24.79 4.15 -8.32
C SER A 204 23.33 3.95 -8.70
N ARG A 205 22.95 2.69 -8.92
CA ARG A 205 21.57 2.34 -9.28
C ARG A 205 20.64 2.49 -8.08
N TYR A 206 19.38 2.83 -8.34
CA TYR A 206 18.39 3.02 -7.29
C TYR A 206 17.19 2.10 -7.47
N GLY A 207 16.63 1.63 -6.36
CA GLY A 207 15.45 0.79 -6.45
C GLY A 207 15.65 -0.71 -6.40
N THR A 208 14.53 -1.41 -6.62
CA THR A 208 14.48 -2.87 -6.57
C THR A 208 15.39 -3.59 -7.55
N VAL A 209 15.91 -2.88 -8.55
CA VAL A 209 16.78 -3.55 -9.51
C VAL A 209 18.05 -4.00 -8.79
N VAL A 210 18.36 -3.36 -7.69
CA VAL A 210 19.55 -3.66 -6.92
C VAL A 210 19.42 -4.95 -6.13
N THR A 211 18.20 -5.23 -5.69
CA THR A 211 17.95 -6.38 -4.85
C THR A 211 17.17 -7.54 -5.47
N ASN A 212 16.43 -7.27 -6.53
CA ASN A 212 15.62 -8.32 -7.11
C ASN A 212 16.10 -9.05 -8.35
N ASP A 213 17.37 -9.43 -8.38
CA ASP A 213 17.85 -10.16 -9.56
C ASP A 213 17.44 -11.63 -9.45
N MET A 214 16.63 -12.10 -10.39
CA MET A 214 16.17 -13.49 -10.35
C MET A 214 16.83 -14.36 -11.41
N GLY A 215 17.73 -13.79 -12.20
CA GLY A 215 18.37 -14.57 -13.23
C GLY A 215 17.69 -14.50 -14.58
N THR A 216 17.96 -15.49 -15.42
CA THR A 216 17.43 -15.52 -16.76
C THR A 216 16.69 -16.78 -17.15
N LEU A 217 15.64 -16.62 -17.95
CA LEU A 217 14.89 -17.76 -18.45
C LEU A 217 15.29 -17.88 -19.92
N CYS A 218 15.90 -19.00 -20.30
CA CYS A 218 16.32 -19.18 -21.67
C CYS A 218 15.47 -20.25 -22.34
N SER A 219 14.90 -19.92 -23.49
CA SER A 219 14.06 -20.88 -24.22
C SER A 219 14.64 -21.17 -25.57
N ARG A 220 14.23 -22.30 -26.13
CA ARG A 220 14.68 -22.71 -27.45
C ARG A 220 13.77 -23.80 -27.98
N ILE A 221 13.59 -23.85 -29.29
CA ILE A 221 12.79 -24.89 -29.89
C ILE A 221 13.80 -26.02 -30.06
N VAL A 222 13.62 -27.12 -29.35
CA VAL A 222 14.54 -28.23 -29.44
C VAL A 222 14.58 -28.81 -30.85
N THR A 223 13.42 -28.96 -31.47
CA THR A 223 13.33 -29.50 -32.83
C THR A 223 14.28 -28.75 -33.77
N SER A 224 14.97 -29.47 -34.64
CA SER A 224 15.87 -28.80 -35.57
C SER A 224 15.03 -28.16 -36.66
N GLU A 225 15.66 -27.35 -37.51
CA GLU A 225 14.96 -26.64 -38.58
C GLU A 225 13.97 -27.48 -39.39
N GLN A 226 12.79 -26.93 -39.60
CA GLN A 226 11.74 -27.61 -40.36
C GLN A 226 11.40 -26.78 -41.59
N LEU A 227 10.79 -27.42 -42.59
CA LEU A 227 10.44 -26.72 -43.82
C LEU A 227 9.54 -25.53 -43.54
N HIS A 228 8.43 -25.79 -42.85
CA HIS A 228 7.46 -24.75 -42.52
C HIS A 228 7.78 -23.92 -41.30
N LYS A 229 7.79 -22.60 -41.48
CA LYS A 229 8.09 -21.68 -40.41
C LYS A 229 6.94 -21.53 -39.42
N VAL A 230 7.28 -21.44 -38.13
CA VAL A 230 6.28 -21.30 -37.08
C VAL A 230 6.64 -20.15 -36.18
N LYS A 231 5.65 -19.68 -35.42
CA LYS A 231 5.83 -18.62 -34.46
C LYS A 231 5.30 -19.20 -33.16
N VAL A 232 6.20 -19.39 -32.20
CA VAL A 232 5.83 -19.94 -30.90
C VAL A 232 5.78 -18.88 -29.83
N VAL A 233 4.61 -18.68 -29.24
CA VAL A 233 4.47 -17.70 -28.17
C VAL A 233 4.18 -18.45 -26.88
N THR A 234 5.04 -18.27 -25.89
CA THR A 234 4.85 -18.94 -24.62
C THR A 234 4.49 -17.92 -23.56
N ARG A 235 3.29 -18.02 -23.02
CA ARG A 235 2.88 -17.09 -22.00
C ARG A 235 3.13 -17.73 -20.64
N ILE A 236 3.83 -17.00 -19.77
CA ILE A 236 4.16 -17.48 -18.43
C ILE A 236 3.19 -16.93 -17.40
N TYR A 237 2.57 -17.81 -16.64
CA TYR A 237 1.63 -17.39 -15.61
C TYR A 237 2.21 -17.68 -14.26
N HIS A 238 2.06 -16.71 -13.36
CA HIS A 238 2.59 -16.84 -12.02
C HIS A 238 1.52 -16.73 -10.95
N LYS A 239 1.71 -17.48 -9.87
CA LYS A 239 0.77 -17.46 -8.75
C LYS A 239 1.56 -17.61 -7.46
N ALA A 240 1.24 -16.81 -6.46
CA ALA A 240 1.90 -16.88 -5.17
C ALA A 240 1.22 -17.92 -4.27
N LYS A 241 2.03 -18.73 -3.58
CA LYS A 241 1.51 -19.77 -2.69
C LYS A 241 2.15 -19.62 -1.32
N HIS A 242 1.39 -19.86 -0.26
CA HIS A 242 1.94 -19.78 1.10
C HIS A 242 2.51 -18.39 1.31
N THR A 243 1.66 -17.40 1.09
CA THR A 243 2.04 -16.01 1.16
C THR A 243 2.00 -15.26 2.49
N LYS A 244 2.92 -14.30 2.61
CA LYS A 244 3.01 -13.43 3.79
C LYS A 244 3.36 -12.05 3.28
N ALA A 245 2.68 -11.03 3.79
CA ALA A 245 2.95 -9.66 3.35
C ALA A 245 3.08 -8.69 4.50
N TRP A 246 3.88 -7.65 4.31
CA TRP A 246 4.08 -6.66 5.36
C TRP A 246 3.97 -5.23 4.87
N CYS A 247 3.56 -4.34 5.79
CA CYS A 247 3.42 -2.90 5.53
C CYS A 247 2.67 -2.54 4.27
N PRO A 248 1.33 -2.51 4.34
CA PRO A 248 0.52 -2.17 3.18
C PRO A 248 0.77 -0.74 2.74
N ARG A 249 0.58 -0.46 1.46
CA ARG A 249 0.79 0.87 0.94
C ARG A 249 -0.31 1.24 -0.05
N PRO A 250 -0.39 2.52 -0.44
CA PRO A 250 -1.44 2.92 -1.39
C PRO A 250 -1.26 2.25 -2.74
N PRO A 251 -2.35 2.00 -3.46
CA PRO A 251 -2.25 1.37 -4.78
C PRO A 251 -1.71 2.33 -5.83
N ARG A 252 -1.08 1.79 -6.87
CA ARG A 252 -0.53 2.60 -7.95
C ARG A 252 -1.70 3.39 -8.54
N ALA A 253 -1.55 4.71 -8.62
CA ALA A 253 -2.62 5.57 -9.14
C ALA A 253 -2.49 5.96 -10.60
N VAL A 254 -1.28 5.86 -11.14
CA VAL A 254 -1.02 6.21 -12.52
C VAL A 254 -0.41 5.00 -13.22
N GLN A 255 -0.39 5.04 -14.54
CA GLN A 255 0.16 3.91 -15.30
C GLN A 255 1.64 3.70 -14.99
N TYR A 256 2.10 2.46 -15.16
CA TYR A 256 3.50 2.13 -14.94
C TYR A 256 4.19 2.49 -16.24
N SER A 257 5.48 2.77 -16.19
CA SER A 257 6.19 3.09 -17.41
C SER A 257 7.41 2.18 -17.58
N HIS A 258 8.04 1.82 -16.46
CA HIS A 258 9.21 0.95 -16.53
C HIS A 258 9.29 -0.03 -15.38
N THR A 259 10.12 -1.05 -15.54
CA THR A 259 10.29 -2.05 -14.51
C THR A 259 11.24 -1.54 -13.45
N HIS A 260 11.08 -2.05 -12.22
CA HIS A 260 11.91 -1.68 -11.09
C HIS A 260 11.92 -0.22 -10.71
N THR A 261 10.95 0.55 -11.16
CA THR A 261 10.94 1.97 -10.81
C THR A 261 9.54 2.50 -10.70
N THR A 262 9.37 3.48 -9.81
CA THR A 262 8.07 4.09 -9.60
C THR A 262 7.85 5.28 -10.51
N ASN A 263 8.81 5.51 -11.42
CA ASN A 263 8.72 6.62 -12.37
C ASN A 263 7.37 6.62 -13.08
N TYR A 264 6.89 7.82 -13.43
CA TYR A 264 5.63 7.96 -14.13
C TYR A 264 5.67 9.19 -15.03
N LYS A 265 4.67 9.31 -15.91
CA LYS A 265 4.62 10.48 -16.78
C LYS A 265 3.30 11.17 -16.58
N LEU A 266 3.33 12.49 -16.66
CA LEU A 266 2.13 13.30 -16.48
C LEU A 266 1.87 14.09 -17.73
N SER A 267 0.62 14.17 -18.14
CA SER A 267 0.27 14.95 -19.32
C SER A 267 -0.01 16.37 -18.83
N SER A 268 -0.40 17.26 -19.75
CA SER A 268 -0.69 18.64 -19.37
C SER A 268 -2.02 18.70 -18.63
N GLU A 269 -2.88 17.72 -18.91
CA GLU A 269 -4.17 17.64 -18.23
C GLU A 269 -4.14 16.42 -17.32
N VAL A 270 -3.57 16.60 -16.13
CA VAL A 270 -3.43 15.52 -15.16
C VAL A 270 -4.69 14.71 -14.84
N HIS A 271 -5.86 15.33 -14.89
CA HIS A 271 -7.07 14.56 -14.57
C HIS A 271 -7.24 13.35 -15.52
N ASN A 272 -6.51 13.34 -16.62
CA ASN A 272 -6.58 12.24 -17.57
C ASN A 272 -5.63 11.12 -17.17
N ASP A 273 -4.65 11.45 -16.33
CA ASP A 273 -3.66 10.45 -15.90
C ASP A 273 -4.08 9.62 -14.71
N VAL A 274 -5.13 10.03 -14.00
CA VAL A 274 -5.62 9.30 -12.84
C VAL A 274 -7.06 8.88 -13.04
N ALA A 275 -7.52 7.91 -12.24
CA ALA A 275 -8.87 7.39 -12.35
C ALA A 275 -9.95 8.31 -11.79
N ILE A 276 -9.54 9.41 -11.16
CA ILE A 276 -10.50 10.34 -10.59
C ILE A 276 -11.29 11.03 -11.70
N ARG A 277 -12.63 10.95 -11.63
CA ARG A 277 -13.48 11.60 -12.63
C ARG A 277 -13.86 12.96 -12.09
N PRO A 278 -13.56 14.03 -12.84
CA PRO A 278 -13.89 15.38 -12.38
C PRO A 278 -15.37 15.53 -11.98
N ARG A 279 -15.61 16.25 -10.89
CA ARG A 279 -16.97 16.50 -10.43
C ARG A 279 -17.42 17.84 -10.98
N THR A 280 -18.71 17.97 -11.28
CA THR A 280 -19.23 19.23 -11.78
C THR A 280 -19.02 20.27 -10.70
N ASN A 281 -19.35 19.89 -9.45
CA ASN A 281 -19.20 20.75 -8.27
C ASN A 281 -19.39 19.89 -7.03
N LEU A 282 -19.35 20.49 -5.85
CA LEU A 282 -19.47 19.73 -4.61
C LEU A 282 -20.81 19.06 -4.34
N THR A 283 -21.89 19.60 -4.88
CA THR A 283 -23.21 19.03 -4.61
C THR A 283 -23.81 18.22 -5.74
N THR A 284 -23.06 17.96 -6.79
CA THR A 284 -23.57 17.17 -7.89
C THR A 284 -23.11 15.73 -7.71
N VAL A 285 -24.03 14.85 -7.34
CA VAL A 285 -23.70 13.45 -7.10
C VAL A 285 -23.37 12.72 -8.40
N SER B 10 -2.64 14.96 32.78
CA SER B 10 -3.50 15.32 31.60
C SER B 10 -3.11 14.55 30.32
N ASP B 11 -4.11 14.22 29.51
CA ASP B 11 -3.87 13.50 28.25
C ASP B 11 -3.38 14.44 27.12
N ARG B 12 -3.30 15.75 27.40
CA ARG B 12 -2.82 16.73 26.42
C ARG B 12 -1.31 16.95 26.56
N ILE B 13 -0.75 16.54 27.69
CA ILE B 13 0.67 16.71 27.98
C ILE B 13 1.52 15.48 27.68
N ILE B 14 2.81 15.71 27.42
CA ILE B 14 3.75 14.62 27.16
C ILE B 14 5.17 15.06 27.46
N GLN B 15 5.96 14.13 27.96
CA GLN B 15 7.36 14.38 28.24
C GLN B 15 8.09 13.18 27.70
N ILE B 16 9.10 13.40 26.87
CA ILE B 16 9.87 12.31 26.32
C ILE B 16 11.32 12.52 26.70
N THR B 17 11.91 11.53 27.36
CA THR B 17 13.29 11.66 27.77
C THR B 17 14.09 10.57 27.08
N ARG B 18 15.17 10.99 26.43
CA ARG B 18 16.05 10.07 25.74
C ARG B 18 17.46 10.57 25.97
N GLY B 19 18.30 9.74 26.61
CA GLY B 19 19.66 10.15 26.88
C GLY B 19 19.68 11.39 27.76
N ASP B 20 20.33 12.45 27.28
CA ASP B 20 20.42 13.70 28.04
C ASP B 20 19.40 14.72 27.54
N SER B 21 18.42 14.27 26.77
CA SER B 21 17.44 15.18 26.23
C SER B 21 16.04 14.89 26.69
N THR B 22 15.31 15.94 27.05
CA THR B 22 13.92 15.80 27.47
C THR B 22 13.10 16.79 26.65
N ILE B 23 12.02 16.30 26.08
CA ILE B 23 11.16 17.13 25.25
C ILE B 23 9.75 17.16 25.82
N THR B 24 9.09 18.30 25.72
CA THR B 24 7.73 18.44 26.24
C THR B 24 6.79 19.09 25.24
N SER B 25 5.50 18.90 25.48
CA SER B 25 4.45 19.50 24.67
C SER B 25 3.22 19.49 25.55
N GLN B 26 2.54 20.62 25.63
CA GLN B 26 1.35 20.70 26.47
C GLN B 26 0.08 20.59 25.65
N ASP B 27 0.23 20.23 24.37
CA ASP B 27 -0.91 20.07 23.48
C ASP B 27 -0.63 18.99 22.46
N VAL B 28 -0.71 17.74 22.90
CA VAL B 28 -0.46 16.62 22.01
C VAL B 28 -1.77 15.93 21.62
N ALA B 29 -1.68 15.07 20.61
CA ALA B 29 -2.82 14.30 20.15
C ALA B 29 -2.38 12.85 20.29
N ASN B 30 -1.99 12.48 21.51
CA ASN B 30 -1.54 11.13 21.79
C ASN B 30 -0.23 10.89 21.06
N ALA B 31 0.15 9.62 20.89
CA ALA B 31 1.38 9.28 20.19
C ALA B 31 1.10 8.04 19.36
N VAL B 32 1.90 7.81 18.34
CA VAL B 32 1.67 6.66 17.49
C VAL B 32 2.89 5.77 17.47
N VAL B 33 2.68 4.48 17.71
CA VAL B 33 3.76 3.51 17.68
C VAL B 33 3.56 2.76 16.38
N GLY B 34 4.44 3.01 15.42
CA GLY B 34 4.33 2.38 14.12
C GLY B 34 4.15 0.89 14.11
N TYR B 35 3.04 0.44 13.53
CA TYR B 35 2.74 -0.98 13.43
C TYR B 35 2.67 -1.65 14.78
N GLY B 36 2.44 -0.86 15.82
CA GLY B 36 2.32 -1.39 17.16
C GLY B 36 3.55 -2.09 17.71
N VAL B 37 4.71 -1.88 17.11
CA VAL B 37 5.90 -2.54 17.61
C VAL B 37 6.90 -1.52 18.15
N TRP B 38 7.30 -1.72 19.40
CA TRP B 38 8.26 -0.83 20.03
C TRP B 38 9.68 -1.24 19.62
N PRO B 39 10.54 -0.26 19.33
CA PRO B 39 11.91 -0.64 18.93
C PRO B 39 12.63 -1.50 19.95
N HIS B 40 13.41 -2.46 19.46
CA HIS B 40 14.15 -3.38 20.31
C HIS B 40 15.43 -3.82 19.61
N TYR B 41 16.40 -4.30 20.39
CA TYR B 41 17.67 -4.75 19.84
C TYR B 41 17.48 -6.05 19.07
N LEU B 42 18.39 -6.32 18.15
CA LEU B 42 18.35 -7.50 17.32
C LEU B 42 18.62 -8.76 18.13
N THR B 43 17.75 -9.76 17.98
CA THR B 43 17.91 -11.02 18.70
C THR B 43 18.77 -12.02 17.96
N PRO B 44 19.38 -12.96 18.68
CA PRO B 44 20.21 -13.96 18.00
C PRO B 44 19.49 -14.84 16.99
N GLN B 45 18.18 -14.97 17.09
CA GLN B 45 17.48 -15.81 16.12
C GLN B 45 17.35 -15.12 14.77
N ASP B 46 17.28 -13.78 14.81
CA ASP B 46 17.13 -13.01 13.59
C ASP B 46 18.44 -12.44 13.05
N ALA B 47 19.48 -12.43 13.86
CA ALA B 47 20.78 -11.91 13.43
C ALA B 47 21.44 -12.76 12.37
N THR B 48 22.31 -12.12 11.58
CA THR B 48 23.05 -12.83 10.55
C THR B 48 24.54 -12.46 10.63
N ALA B 49 24.85 -11.17 10.77
CA ALA B 49 26.25 -10.76 10.90
C ALA B 49 26.74 -11.36 12.23
N ILE B 50 27.94 -11.91 12.24
CA ILE B 50 28.40 -12.58 13.46
C ILE B 50 29.30 -11.84 14.43
N ASP B 51 29.69 -10.61 14.15
CA ASP B 51 30.54 -9.91 15.09
C ASP B 51 29.69 -9.25 16.17
N LYS B 52 30.27 -9.03 17.34
CA LYS B 52 29.56 -8.41 18.44
C LYS B 52 29.24 -6.97 18.06
N PRO B 53 27.95 -6.58 18.16
CA PRO B 53 27.55 -5.22 17.81
C PRO B 53 27.98 -4.20 18.86
N THR B 54 28.03 -2.93 18.48
CA THR B 54 28.38 -1.88 19.42
C THR B 54 27.08 -1.13 19.66
N GLN B 55 26.79 -0.86 20.93
CA GLN B 55 25.56 -0.16 21.28
C GLN B 55 25.91 1.07 22.12
N PRO B 56 26.09 2.22 21.45
CA PRO B 56 26.45 3.49 22.07
C PRO B 56 25.50 3.94 23.19
N ASP B 57 24.27 3.43 23.17
CA ASP B 57 23.29 3.76 24.20
C ASP B 57 22.96 5.25 24.29
N THR B 58 23.06 5.83 25.49
CA THR B 58 22.68 7.23 25.66
C THR B 58 23.43 8.27 24.84
N SER B 59 24.61 7.94 24.35
CA SER B 59 25.35 8.92 23.56
C SER B 59 24.84 8.99 22.13
N SER B 60 24.00 8.04 21.73
CA SER B 60 23.47 8.06 20.38
C SER B 60 21.96 8.06 20.38
N ASN B 61 21.35 7.44 21.39
CA ASN B 61 19.91 7.40 21.46
C ASN B 61 19.42 8.63 22.23
N ARG B 62 19.48 9.77 21.57
CA ARG B 62 19.07 11.03 22.16
C ARG B 62 18.44 11.87 21.07
N PHE B 63 17.72 12.92 21.46
CA PHE B 63 17.07 13.79 20.49
C PHE B 63 18.03 14.71 19.75
N TYR B 64 17.90 14.73 18.43
CA TYR B 64 18.72 15.60 17.59
C TYR B 64 17.72 16.51 16.87
N THR B 65 17.89 17.82 17.02
CA THR B 65 16.98 18.75 16.36
C THR B 65 17.54 19.20 15.01
N LEU B 66 16.74 19.03 13.96
CA LEU B 66 17.13 19.41 12.62
C LEU B 66 16.90 20.89 12.36
N ASP B 67 17.27 21.34 11.17
CA ASP B 67 17.07 22.73 10.79
C ASP B 67 15.58 23.00 10.75
N SER B 68 15.17 24.15 11.27
CA SER B 68 13.75 24.51 11.27
C SER B 68 13.36 24.96 9.88
N LYS B 69 12.07 24.88 9.58
CA LYS B 69 11.56 25.29 8.27
C LYS B 69 10.48 26.32 8.49
N MET B 70 10.17 27.08 7.46
CA MET B 70 9.13 28.09 7.58
C MET B 70 7.89 27.64 6.84
N TRP B 71 6.75 27.74 7.50
CA TRP B 71 5.50 27.34 6.91
C TRP B 71 4.74 28.59 6.49
N ASN B 72 4.47 28.72 5.20
CA ASN B 72 3.71 29.88 4.75
C ASN B 72 2.61 29.43 3.80
N SER B 73 1.66 30.33 3.56
CA SER B 73 0.49 30.03 2.73
C SER B 73 0.75 29.29 1.42
N THR B 74 1.98 29.27 0.94
CA THR B 74 2.23 28.58 -0.31
C THR B 74 3.09 27.33 -0.21
N SER B 75 3.51 26.99 1.01
CA SER B 75 4.35 25.82 1.21
C SER B 75 3.69 24.59 0.64
N LYS B 76 4.47 23.75 -0.03
CA LYS B 76 3.93 22.54 -0.63
C LYS B 76 4.28 21.28 0.14
N GLY B 77 5.21 21.40 1.09
CA GLY B 77 5.60 20.26 1.88
C GLY B 77 7.10 20.09 2.01
N TRP B 78 7.50 19.18 2.90
CA TRP B 78 8.90 18.88 3.13
C TRP B 78 9.06 17.40 3.41
N TRP B 79 10.26 16.88 3.21
CA TRP B 79 10.52 15.49 3.53
C TRP B 79 11.99 15.27 3.86
N TRP B 80 12.23 14.32 4.76
CA TRP B 80 13.59 13.97 5.17
C TRP B 80 13.63 12.46 5.09
N LYS B 81 14.83 11.90 5.03
CA LYS B 81 14.98 10.46 4.98
C LYS B 81 15.88 10.01 6.11
N LEU B 82 15.55 8.88 6.72
CA LEU B 82 16.34 8.34 7.82
C LEU B 82 17.01 7.05 7.34
N PRO B 83 18.25 6.79 7.80
CA PRO B 83 19.06 7.61 8.72
C PRO B 83 19.76 8.82 8.12
N ASP B 84 19.62 9.06 6.82
CA ASP B 84 20.31 10.17 6.17
C ASP B 84 20.28 11.50 6.92
N ALA B 85 19.10 11.93 7.33
CA ALA B 85 18.96 13.20 8.03
C ALA B 85 19.83 13.34 9.27
N LEU B 86 20.28 12.21 9.82
CA LEU B 86 21.10 12.24 11.03
C LEU B 86 22.56 11.93 10.80
N LYS B 87 22.96 11.77 9.55
CA LYS B 87 24.34 11.42 9.21
C LYS B 87 25.42 12.30 9.78
N ASP B 88 25.07 13.52 10.15
CA ASP B 88 26.06 14.42 10.68
C ASP B 88 25.78 14.83 12.12
N MET B 89 25.01 14.00 12.80
CA MET B 89 24.62 14.26 14.19
C MET B 89 25.41 13.49 15.24
N GLY B 90 26.30 14.19 15.92
CA GLY B 90 27.09 13.58 16.97
C GLY B 90 27.54 12.14 16.78
N ILE B 91 27.54 11.39 17.88
CA ILE B 91 27.96 10.01 17.89
C ILE B 91 27.17 9.09 16.96
N PHE B 92 25.88 9.34 16.81
CA PHE B 92 25.08 8.51 15.92
C PHE B 92 25.66 8.60 14.52
N GLY B 93 25.91 9.83 14.07
CA GLY B 93 26.46 10.04 12.75
C GLY B 93 27.79 9.34 12.56
N GLU B 94 28.70 9.53 13.51
CA GLU B 94 30.01 8.93 13.41
C GLU B 94 29.90 7.42 13.27
N ASN B 95 29.06 6.82 14.09
CA ASN B 95 28.90 5.38 14.05
C ASN B 95 28.38 4.83 12.74
N MET B 96 27.49 5.56 12.09
CA MET B 96 26.97 5.05 10.85
C MET B 96 27.95 5.10 9.69
N PHE B 97 29.05 5.81 9.86
CA PHE B 97 30.05 5.89 8.81
C PHE B 97 31.25 4.99 9.05
N TYR B 98 31.53 4.72 10.31
CA TYR B 98 32.64 3.86 10.68
C TYR B 98 32.26 2.39 10.56
N HIS B 99 30.97 2.10 10.49
CA HIS B 99 30.49 0.72 10.40
C HIS B 99 29.76 0.42 9.11
N PHE B 100 29.91 -0.81 8.63
CA PHE B 100 29.24 -1.21 7.43
C PHE B 100 27.75 -1.35 7.71
N LEU B 101 27.44 -2.03 8.81
CA LEU B 101 26.05 -2.26 9.19
C LEU B 101 25.54 -1.41 10.35
N GLY B 102 24.25 -1.12 10.31
CA GLY B 102 23.61 -0.33 11.34
C GLY B 102 22.15 -0.73 11.48
N ARG B 103 21.57 -0.47 12.64
CA ARG B 103 20.18 -0.81 12.91
C ARG B 103 19.64 0.17 13.94
N SER B 104 18.43 0.67 13.73
CA SER B 104 17.88 1.64 14.68
C SER B 104 16.40 1.94 14.51
N GLY B 105 15.78 2.34 15.61
CA GLY B 105 14.39 2.74 15.61
C GLY B 105 14.41 4.24 15.90
N TYR B 106 13.26 4.91 15.90
CA TYR B 106 13.26 6.34 16.16
C TYR B 106 12.03 6.85 16.84
N THR B 107 12.21 8.00 17.49
CA THR B 107 11.10 8.71 18.09
C THR B 107 11.15 10.02 17.27
N VAL B 108 10.07 10.33 16.58
CA VAL B 108 10.03 11.52 15.78
C VAL B 108 9.06 12.49 16.42
N HIS B 109 9.57 13.67 16.76
CA HIS B 109 8.72 14.67 17.37
C HIS B 109 8.69 15.93 16.52
N VAL B 110 7.56 16.19 15.88
CA VAL B 110 7.43 17.38 15.04
C VAL B 110 6.78 18.50 15.84
N GLN B 111 7.38 19.68 15.81
CA GLN B 111 6.86 20.79 16.58
C GLN B 111 6.37 21.95 15.72
N CYS B 112 5.22 22.50 16.08
CA CYS B 112 4.65 23.62 15.36
C CYS B 112 3.54 24.30 16.14
N ASN B 113 3.86 25.42 16.78
CA ASN B 113 2.86 26.15 17.53
C ASN B 113 2.46 27.43 16.80
N ALA B 114 1.23 27.87 16.99
CA ALA B 114 0.73 29.08 16.35
C ALA B 114 -0.07 29.86 17.38
N SER B 115 -1.39 29.95 17.17
CA SER B 115 -2.25 30.66 18.11
C SER B 115 -3.67 30.18 17.91
N LYS B 116 -4.54 30.54 18.85
CA LYS B 116 -5.93 30.12 18.76
C LYS B 116 -6.69 30.89 17.72
N PHE B 117 -5.95 31.67 16.94
CA PHE B 117 -6.55 32.47 15.87
C PHE B 117 -5.91 32.15 14.54
N HIS B 118 -5.13 31.08 14.53
CA HIS B 118 -4.46 30.59 13.33
C HIS B 118 -5.19 29.30 13.00
N GLN B 119 -5.04 28.85 11.76
CA GLN B 119 -5.66 27.61 11.35
C GLN B 119 -4.76 27.02 10.28
N GLY B 120 -4.76 25.69 10.20
CA GLY B 120 -3.92 25.02 9.23
C GLY B 120 -3.75 23.60 9.68
N THR B 121 -3.35 22.72 8.76
CA THR B 121 -3.21 21.32 9.11
C THR B 121 -2.08 20.64 8.36
N LEU B 122 -1.21 20.01 9.12
CA LEU B 122 -0.07 19.28 8.55
C LEU B 122 -0.33 17.79 8.69
N LEU B 123 -0.03 17.04 7.64
CA LEU B 123 -0.16 15.61 7.67
C LEU B 123 1.27 15.12 7.86
N VAL B 124 1.54 14.46 8.98
CA VAL B 124 2.88 13.95 9.27
C VAL B 124 2.90 12.44 9.08
N VAL B 125 3.70 11.98 8.12
CA VAL B 125 3.78 10.55 7.82
C VAL B 125 5.17 9.95 7.83
N MET B 126 5.23 8.69 8.25
CA MET B 126 6.48 7.94 8.28
C MET B 126 6.27 6.83 7.26
N ILE B 127 7.04 6.87 6.17
CA ILE B 127 6.90 5.86 5.12
C ILE B 127 8.08 4.93 5.04
N PRO B 128 7.84 3.61 5.03
CA PRO B 128 8.92 2.64 4.93
C PRO B 128 9.22 2.43 3.45
N GLU B 129 10.50 2.41 3.10
CA GLU B 129 10.93 2.24 1.70
C GLU B 129 10.19 3.18 0.76
N HIS B 130 10.36 4.48 0.96
CA HIS B 130 9.72 5.46 0.09
C HIS B 130 10.57 5.61 -1.16
N GLN B 131 10.38 4.72 -2.13
CA GLN B 131 11.13 4.76 -3.38
C GLN B 131 10.58 5.84 -4.30
N LEU B 132 11.25 6.98 -4.28
CA LEU B 132 10.84 8.11 -5.08
C LEU B 132 10.87 7.88 -6.58
N ALA B 133 10.05 8.63 -7.30
CA ALA B 133 9.96 8.52 -8.75
C ALA B 133 10.47 9.78 -9.42
N THR B 134 10.70 9.69 -10.72
CA THR B 134 11.10 10.85 -11.51
C THR B 134 9.93 10.99 -12.48
N VAL B 135 9.62 12.20 -12.88
CA VAL B 135 8.51 12.40 -13.81
C VAL B 135 9.00 12.71 -15.22
N ASN B 136 8.31 12.12 -16.19
CA ASN B 136 8.61 12.31 -17.61
C ASN B 136 10.11 12.25 -17.96
N LYS B 137 10.86 11.35 -17.33
CA LYS B 137 12.28 11.25 -17.62
C LYS B 137 12.67 9.82 -17.99
N GLY B 138 11.70 9.08 -18.52
CA GLY B 138 11.96 7.71 -18.92
C GLY B 138 12.34 6.83 -17.75
N ASN B 139 13.33 5.96 -17.94
CA ASN B 139 13.75 5.08 -16.87
C ASN B 139 14.94 5.62 -16.06
N VAL B 140 15.11 6.94 -16.04
CA VAL B 140 16.19 7.56 -15.26
C VAL B 140 15.68 7.70 -13.83
N ASN B 141 16.42 7.17 -12.86
CA ASN B 141 15.98 7.23 -11.48
C ASN B 141 16.62 8.32 -10.63
N ALA B 142 15.93 8.66 -9.54
CA ALA B 142 16.38 9.68 -8.59
C ALA B 142 17.82 9.44 -8.18
N GLY B 143 18.65 10.47 -8.35
CA GLY B 143 20.06 10.34 -8.02
C GLY B 143 20.39 10.33 -6.53
N TYR B 144 21.42 9.57 -6.19
CA TYR B 144 21.86 9.45 -4.81
C TYR B 144 21.88 10.78 -4.09
N LYS B 145 22.58 11.76 -4.67
CA LYS B 145 22.69 13.06 -4.04
C LYS B 145 21.34 13.68 -3.65
N TYR B 146 20.34 13.54 -4.51
CA TYR B 146 19.02 14.11 -4.25
C TYR B 146 18.20 13.42 -3.18
N THR B 147 18.46 12.15 -2.94
CA THR B 147 17.71 11.44 -1.91
C THR B 147 18.52 11.37 -0.64
N HIS B 148 19.55 12.22 -0.55
CA HIS B 148 20.40 12.27 0.63
C HIS B 148 20.69 13.72 1.01
N PRO B 149 19.63 14.53 1.16
CA PRO B 149 19.76 15.94 1.52
C PRO B 149 20.22 16.23 2.94
N GLY B 150 20.34 15.20 3.77
CA GLY B 150 20.77 15.42 5.15
C GLY B 150 19.73 16.18 5.96
N GLU B 151 20.16 16.77 7.07
CA GLU B 151 19.26 17.51 7.96
C GLU B 151 18.46 18.61 7.29
N ALA B 152 18.93 19.14 6.18
CA ALA B 152 18.21 20.20 5.48
C ALA B 152 16.91 19.66 4.89
N GLY B 153 16.90 18.37 4.58
CA GLY B 153 15.71 17.78 3.99
C GLY B 153 15.41 18.43 2.67
N ARG B 154 14.21 18.19 2.14
CA ARG B 154 13.84 18.77 0.87
C ARG B 154 12.60 19.64 0.97
N GLU B 155 12.69 20.84 0.42
CA GLU B 155 11.57 21.78 0.41
C GLU B 155 10.87 21.55 -0.90
N VAL B 156 9.72 20.88 -0.86
CA VAL B 156 9.01 20.62 -2.09
C VAL B 156 8.65 21.87 -2.87
N GLY B 157 8.90 21.82 -4.18
CA GLY B 157 8.60 22.94 -5.06
C GLY B 157 9.61 24.06 -5.14
N THR B 158 10.87 23.82 -4.80
CA THR B 158 11.86 24.89 -4.87
C THR B 158 13.00 24.52 -5.81
N GLN B 159 13.51 23.30 -5.65
CA GLN B 159 14.63 22.80 -6.44
C GLN B 159 14.46 23.01 -7.96
N VAL B 160 15.44 23.73 -8.54
CA VAL B 160 15.44 23.97 -9.98
C VAL B 160 15.74 22.59 -10.62
N GLU B 161 14.74 22.02 -11.28
CA GLU B 161 14.87 20.71 -11.92
C GLU B 161 16.23 20.41 -12.58
N ASN B 162 16.61 19.13 -12.49
CA ASN B 162 17.85 18.57 -13.04
C ASN B 162 17.41 17.13 -13.43
N GLU B 163 18.09 16.50 -14.37
CA GLU B 163 17.68 15.17 -14.81
C GLU B 163 17.39 14.16 -13.70
N LYS B 164 18.31 13.96 -12.76
CA LYS B 164 18.09 12.97 -11.70
C LYS B 164 17.29 13.52 -10.51
N GLN B 165 16.62 14.63 -10.73
CA GLN B 165 15.82 15.23 -9.67
C GLN B 165 14.53 14.40 -9.51
N PRO B 166 14.15 14.06 -8.27
CA PRO B 166 12.94 13.27 -8.04
C PRO B 166 11.68 14.10 -8.24
N SER B 167 10.54 13.42 -8.23
CA SER B 167 9.26 14.07 -8.41
C SER B 167 8.97 15.03 -7.25
N ASP B 168 8.27 16.11 -7.55
CA ASP B 168 7.90 17.07 -6.52
C ASP B 168 6.39 17.17 -6.42
N ASP B 169 5.70 16.16 -6.96
CA ASP B 169 4.24 16.12 -6.92
C ASP B 169 3.75 15.62 -5.58
N ASN B 170 3.40 16.53 -4.67
CA ASN B 170 2.95 16.10 -3.36
C ASN B 170 1.63 15.34 -3.40
N TRP B 171 0.76 15.65 -4.37
CA TRP B 171 -0.52 14.95 -4.43
C TRP B 171 -0.37 13.52 -4.96
N LEU B 172 0.82 13.19 -5.45
CA LEU B 172 1.08 11.85 -5.96
C LEU B 172 2.15 11.16 -5.11
N ASN B 173 2.32 11.67 -3.90
CA ASN B 173 3.26 11.12 -2.94
C ASN B 173 4.67 10.98 -3.47
N PHE B 174 4.99 11.74 -4.51
CA PHE B 174 6.32 11.68 -5.11
C PHE B 174 6.64 10.27 -5.60
N ASP B 175 5.63 9.43 -5.76
CA ASP B 175 5.88 8.07 -6.21
C ASP B 175 4.76 7.40 -7.01
N GLY B 176 3.78 8.17 -7.47
CA GLY B 176 2.73 7.59 -8.27
C GLY B 176 1.51 7.05 -7.55
N THR B 177 1.33 7.44 -6.29
CA THR B 177 0.19 6.99 -5.50
C THR B 177 -0.49 8.23 -4.96
N LEU B 178 -1.79 8.14 -4.70
CA LEU B 178 -2.53 9.30 -4.22
C LEU B 178 -2.32 9.65 -2.77
N LEU B 179 -2.16 10.94 -2.53
CA LEU B 179 -1.91 11.49 -1.20
C LEU B 179 -2.93 11.10 -0.15
N GLY B 180 -4.20 11.00 -0.54
CA GLY B 180 -5.23 10.66 0.42
C GLY B 180 -5.09 9.28 1.05
N ASN B 181 -4.24 8.44 0.48
CA ASN B 181 -4.08 7.10 1.01
C ASN B 181 -2.80 6.95 1.81
N LEU B 182 -2.15 8.06 2.10
CA LEU B 182 -0.92 8.02 2.87
C LEU B 182 -1.24 7.58 4.29
N LEU B 183 -2.49 7.78 4.70
CA LEU B 183 -2.95 7.43 6.03
C LEU B 183 -2.80 5.95 6.37
N ILE B 184 -2.48 5.13 5.37
CA ILE B 184 -2.30 3.71 5.60
C ILE B 184 -0.94 3.48 6.25
N PHE B 185 -0.13 4.54 6.31
CA PHE B 185 1.18 4.48 6.94
C PHE B 185 1.08 5.15 8.30
N PRO B 186 1.98 4.81 9.24
CA PRO B 186 1.93 5.46 10.55
C PRO B 186 1.94 6.97 10.35
N HIS B 187 0.97 7.66 10.93
CA HIS B 187 0.89 9.10 10.75
C HIS B 187 0.13 9.78 11.88
N GLN B 188 0.13 11.10 11.81
CA GLN B 188 -0.58 11.95 12.76
C GLN B 188 -0.83 13.26 12.05
N PHE B 189 -1.66 14.10 12.63
CA PHE B 189 -1.95 15.39 12.03
C PHE B 189 -1.63 16.45 13.07
N ILE B 190 -1.17 17.59 12.59
CA ILE B 190 -0.96 18.70 13.51
C ILE B 190 -2.00 19.69 13.01
N ASN B 191 -3.15 19.70 13.66
CA ASN B 191 -4.24 20.60 13.33
C ASN B 191 -4.10 21.72 14.35
N LEU B 192 -3.62 22.86 13.89
CA LEU B 192 -3.38 23.98 14.78
C LEU B 192 -4.44 24.28 15.84
N ARG B 193 -5.69 23.94 15.57
CA ARG B 193 -6.74 24.19 16.56
C ARG B 193 -6.71 23.18 17.71
N SER B 194 -6.10 22.02 17.47
CA SER B 194 -6.05 20.96 18.47
C SER B 194 -4.69 20.68 19.12
N ASN B 195 -3.64 20.56 18.33
CA ASN B 195 -2.33 20.26 18.90
C ASN B 195 -1.19 21.08 18.33
N ASN B 196 -0.07 21.10 19.03
CA ASN B 196 1.08 21.84 18.56
C ASN B 196 2.27 20.94 18.30
N SER B 197 2.02 19.64 18.24
CA SER B 197 3.09 18.67 18.01
C SER B 197 2.56 17.31 17.59
N ALA B 198 3.45 16.49 17.05
CA ALA B 198 3.10 15.15 16.61
C ALA B 198 4.24 14.24 17.05
N THR B 199 3.91 13.08 17.60
CA THR B 199 4.94 12.15 18.05
C THR B 199 4.72 10.78 17.45
N LEU B 200 5.76 10.24 16.83
CA LEU B 200 5.70 8.92 16.24
C LEU B 200 6.90 8.11 16.66
N ILE B 201 6.68 6.90 17.12
CA ILE B 201 7.77 6.03 17.52
C ILE B 201 7.74 4.89 16.53
N VAL B 202 8.83 4.68 15.80
CA VAL B 202 8.87 3.61 14.82
C VAL B 202 9.96 2.60 15.09
N PRO B 203 9.67 1.31 14.84
CA PRO B 203 10.65 0.26 15.06
C PRO B 203 11.46 0.11 13.79
N TYR B 204 12.47 -0.75 13.82
CA TYR B 204 13.28 -0.98 12.65
C TYR B 204 12.47 -1.89 11.72
N VAL B 205 12.32 -1.50 10.46
CA VAL B 205 11.56 -2.30 9.50
C VAL B 205 12.45 -2.54 8.30
N ASN B 206 12.64 -3.80 7.93
CA ASN B 206 13.50 -4.16 6.80
C ASN B 206 13.40 -5.66 6.52
N ALA B 207 13.82 -6.06 5.33
CA ALA B 207 13.79 -7.48 4.96
C ALA B 207 15.09 -8.17 5.40
N VAL B 208 15.99 -7.41 6.01
CA VAL B 208 17.25 -7.92 6.53
C VAL B 208 17.39 -7.33 7.95
N PRO B 209 18.03 -8.07 8.87
CA PRO B 209 18.23 -7.66 10.26
C PRO B 209 19.01 -6.38 10.50
N MET B 210 19.95 -6.10 9.61
CA MET B 210 20.78 -4.90 9.71
C MET B 210 21.06 -4.52 8.27
N ASP B 211 21.50 -3.29 8.06
CA ASP B 211 21.75 -2.84 6.71
C ASP B 211 22.74 -1.70 6.67
N SER B 212 23.14 -1.31 5.47
CA SER B 212 24.05 -0.20 5.28
C SER B 212 23.25 1.08 5.43
N MET B 213 23.64 1.91 6.38
CA MET B 213 22.92 3.15 6.60
C MET B 213 23.34 4.22 5.60
N VAL B 214 24.41 3.94 4.88
CA VAL B 214 24.88 4.89 3.89
C VAL B 214 24.12 4.72 2.57
N ARG B 215 23.80 3.49 2.17
CA ARG B 215 23.08 3.33 0.91
C ARG B 215 21.62 3.01 0.97
N HIS B 216 21.10 2.74 2.16
CA HIS B 216 19.70 2.39 2.29
C HIS B 216 19.00 3.26 3.32
N ASN B 217 17.99 4.01 2.88
CA ASN B 217 17.21 4.85 3.77
C ASN B 217 15.96 4.04 4.08
N ASN B 218 15.79 3.66 5.33
CA ASN B 218 14.65 2.84 5.74
C ASN B 218 13.31 3.56 5.85
N TRP B 219 13.34 4.72 6.51
CA TRP B 219 12.12 5.50 6.70
C TRP B 219 12.22 6.87 6.06
N SER B 220 11.08 7.42 5.69
CA SER B 220 11.01 8.74 5.10
C SER B 220 9.97 9.51 5.88
N LEU B 221 10.33 10.71 6.33
CA LEU B 221 9.39 11.53 7.07
C LEU B 221 8.85 12.56 6.09
N VAL B 222 7.55 12.52 5.88
CA VAL B 222 6.92 13.43 4.95
C VAL B 222 5.94 14.32 5.68
N ILE B 223 5.99 15.62 5.40
CA ILE B 223 5.10 16.57 6.04
C ILE B 223 4.43 17.39 4.94
N ILE B 224 3.13 17.25 4.82
CA ILE B 224 2.39 17.96 3.79
C ILE B 224 1.31 18.84 4.38
N PRO B 225 1.31 20.14 4.08
CA PRO B 225 0.24 20.95 4.66
C PRO B 225 -1.00 20.72 3.83
N VAL B 226 -1.97 19.99 4.38
CA VAL B 226 -3.20 19.70 3.65
C VAL B 226 -4.24 20.82 3.82
N CYS B 227 -4.04 21.65 4.82
CA CYS B 227 -4.94 22.77 5.05
C CYS B 227 -4.04 23.97 5.20
N GLN B 228 -4.10 24.84 4.21
CA GLN B 228 -3.28 26.04 4.16
C GLN B 228 -3.25 26.81 5.46
N LEU B 229 -2.08 27.36 5.78
CA LEU B 229 -1.92 28.14 7.00
C LEU B 229 -2.54 29.52 6.80
N GLN B 230 -3.47 29.89 7.67
CA GLN B 230 -4.13 31.18 7.58
C GLN B 230 -4.31 31.85 8.93
N SER B 231 -4.31 33.18 8.91
CA SER B 231 -4.47 33.97 10.12
C SER B 231 -4.57 35.42 9.70
N ASN B 232 -4.79 36.30 10.66
CA ASN B 232 -4.87 37.72 10.37
C ASN B 232 -3.67 38.43 10.94
N ASN B 233 -2.56 37.72 10.98
CA ASN B 233 -1.32 38.26 11.50
C ASN B 233 -0.22 37.49 10.80
N ILE B 234 -0.29 37.48 9.47
CA ILE B 234 0.68 36.76 8.65
C ILE B 234 2.14 37.13 8.81
N SER B 235 2.44 38.33 9.31
CA SER B 235 3.83 38.73 9.47
C SER B 235 4.56 37.85 10.50
N ASN B 236 3.82 37.26 11.42
CA ASN B 236 4.42 36.40 12.44
C ASN B 236 4.81 35.08 11.81
N ILE B 237 6.11 34.80 11.76
CA ILE B 237 6.58 33.57 11.16
C ILE B 237 6.24 32.34 11.99
N VAL B 238 5.71 31.32 11.33
CA VAL B 238 5.33 30.07 11.98
C VAL B 238 6.24 28.95 11.45
N PRO B 239 7.30 28.62 12.19
CA PRO B 239 8.23 27.57 11.77
C PRO B 239 7.78 26.17 12.14
N ILE B 240 8.46 25.19 11.58
CA ILE B 240 8.18 23.79 11.87
C ILE B 240 9.54 23.26 12.28
N THR B 241 9.60 22.58 13.42
CA THR B 241 10.86 22.03 13.87
C THR B 241 10.74 20.53 14.12
N VAL B 242 11.76 19.80 13.71
CA VAL B 242 11.77 18.35 13.86
C VAL B 242 12.89 17.89 14.76
N SER B 243 12.57 17.04 15.72
CA SER B 243 13.56 16.49 16.63
C SER B 243 13.42 14.99 16.51
N ILE B 244 14.52 14.31 16.25
CA ILE B 244 14.50 12.87 16.09
C ILE B 244 15.51 12.17 16.99
N SER B 245 15.04 11.14 17.68
CA SER B 245 15.92 10.40 18.57
C SER B 245 16.02 8.95 18.18
N PRO B 246 17.25 8.48 17.88
CA PRO B 246 17.38 7.06 17.52
C PRO B 246 17.02 6.25 18.77
N MET B 247 16.71 4.97 18.58
CA MET B 247 16.37 4.10 19.69
C MET B 247 16.96 2.75 19.43
N CYS B 248 17.68 2.20 20.41
CA CYS B 248 18.28 0.89 20.26
C CYS B 248 19.21 0.85 19.07
N ALA B 249 19.98 1.91 18.89
CA ALA B 249 20.89 1.96 17.76
C ALA B 249 22.05 1.01 18.02
N GLU B 250 22.37 0.19 17.04
CA GLU B 250 23.50 -0.73 17.17
C GLU B 250 24.18 -0.84 15.82
N PHE B 251 25.50 -1.00 15.86
CA PHE B 251 26.28 -1.08 14.64
C PHE B 251 27.23 -2.26 14.64
N SER B 252 27.63 -2.70 13.45
CA SER B 252 28.51 -3.83 13.33
C SER B 252 29.35 -3.69 12.06
N GLY B 253 30.50 -4.36 12.03
CA GLY B 253 31.37 -4.28 10.88
C GLY B 253 32.20 -3.02 10.89
N ALA B 254 32.96 -2.83 11.96
CA ALA B 254 33.80 -1.65 12.11
C ALA B 254 35.02 -1.63 11.19
N ARG B 255 35.38 -0.44 10.73
CA ARG B 255 36.52 -0.24 9.85
C ARG B 255 36.80 1.25 9.84
N ALA B 256 37.45 1.74 8.79
CA ALA B 256 37.75 3.15 8.66
C ALA B 256 36.47 3.88 8.32
N LYS B 257 36.46 5.20 8.49
CA LYS B 257 35.26 6.00 8.23
C LYS B 257 34.97 6.20 6.75
N THR B 258 33.75 5.86 6.34
CA THR B 258 33.35 6.02 4.96
C THR B 258 33.16 7.50 4.66
N VAL B 259 33.68 7.95 3.54
CA VAL B 259 33.53 9.35 3.16
C VAL B 259 32.71 9.36 1.88
N VAL B 260 31.57 10.03 1.91
CA VAL B 260 30.73 10.04 0.73
C VAL B 260 30.90 11.24 -0.19
N GLN B 261 30.79 10.94 -1.48
CA GLN B 261 30.89 11.90 -2.60
C GLN B 261 32.25 11.78 -3.28
N GLY C 1 -2.41 -52.28 -14.47
CA GLY C 1 -2.48 -51.13 -13.56
C GLY C 1 -3.90 -50.85 -13.12
N LEU C 2 -4.07 -49.83 -12.28
CA LEU C 2 -5.38 -49.48 -11.79
C LEU C 2 -6.22 -48.84 -12.87
N PRO C 3 -7.39 -49.42 -13.18
CA PRO C 3 -8.21 -48.80 -14.21
C PRO C 3 -8.68 -47.43 -13.78
N VAL C 4 -8.52 -46.44 -14.67
CA VAL C 4 -8.91 -45.07 -14.38
C VAL C 4 -9.81 -44.53 -15.49
N TYR C 5 -10.56 -43.49 -15.13
CA TYR C 5 -11.47 -42.84 -16.06
C TYR C 5 -11.07 -41.37 -16.10
N VAL C 6 -10.51 -40.93 -17.22
CA VAL C 6 -10.10 -39.54 -17.32
C VAL C 6 -11.35 -38.68 -17.39
N THR C 7 -11.48 -37.72 -16.49
CA THR C 7 -12.67 -36.89 -16.46
C THR C 7 -12.54 -35.57 -17.21
N PRO C 8 -13.67 -35.03 -17.69
CA PRO C 8 -13.64 -33.75 -18.40
C PRO C 8 -12.98 -32.75 -17.48
N GLY C 9 -12.21 -31.83 -18.05
CA GLY C 9 -11.52 -30.85 -17.26
C GLY C 9 -10.04 -31.18 -17.25
N SER C 10 -9.72 -32.47 -17.38
CA SER C 10 -8.35 -32.91 -17.38
C SER C 10 -7.49 -32.14 -18.38
N GLY C 11 -6.25 -31.86 -18.00
CA GLY C 11 -5.33 -31.16 -18.87
C GLY C 11 -5.56 -29.68 -19.06
N GLN C 12 -6.67 -29.16 -18.53
CA GLN C 12 -6.96 -27.74 -18.67
C GLN C 12 -6.16 -26.94 -17.66
N PHE C 13 -6.05 -25.66 -17.89
CA PHE C 13 -5.34 -24.78 -16.97
C PHE C 13 -6.32 -23.71 -16.56
N MET C 14 -6.76 -23.76 -15.31
CA MET C 14 -7.67 -22.75 -14.80
C MET C 14 -6.81 -21.88 -13.90
N THR C 15 -6.82 -20.58 -14.13
CA THR C 15 -5.97 -19.69 -13.33
C THR C 15 -6.26 -19.70 -11.85
N THR C 16 -7.43 -20.21 -11.46
CA THR C 16 -7.78 -20.25 -10.06
C THR C 16 -7.80 -21.65 -9.48
N ASP C 17 -7.23 -22.61 -10.18
CA ASP C 17 -7.20 -23.97 -9.66
C ASP C 17 -6.24 -24.02 -8.47
N ASP C 18 -6.29 -25.11 -7.71
CA ASP C 18 -5.42 -25.27 -6.54
C ASP C 18 -4.82 -26.67 -6.51
N MET C 19 -3.81 -26.89 -7.35
CA MET C 19 -3.14 -28.18 -7.41
C MET C 19 -1.71 -28.08 -6.92
N GLN C 20 -1.05 -29.23 -6.85
CA GLN C 20 0.32 -29.30 -6.42
C GLN C 20 1.16 -29.51 -7.67
N SER C 21 2.45 -29.25 -7.57
CA SER C 21 3.33 -29.43 -8.71
C SER C 21 4.76 -29.62 -8.22
N PRO C 22 5.54 -30.43 -8.93
CA PRO C 22 6.92 -30.68 -8.54
C PRO C 22 7.72 -29.39 -8.39
N CYS C 23 8.67 -29.40 -7.48
CA CYS C 23 9.50 -28.25 -7.20
C CYS C 23 10.75 -28.29 -8.07
N ALA C 24 11.01 -27.20 -8.79
CA ALA C 24 12.17 -27.15 -9.69
C ALA C 24 13.51 -27.14 -8.98
N LEU C 25 13.53 -26.71 -7.72
CA LEU C 25 14.78 -26.64 -6.96
C LEU C 25 14.76 -27.57 -5.76
N PRO C 26 14.96 -28.87 -6.00
CA PRO C 26 14.95 -29.84 -4.89
C PRO C 26 16.08 -29.61 -3.89
N TRP C 27 15.82 -29.94 -2.62
CA TRP C 27 16.80 -29.80 -1.55
C TRP C 27 17.08 -28.37 -1.13
N TYR C 28 16.62 -27.41 -1.91
CA TYR C 28 16.85 -26.00 -1.60
C TYR C 28 16.17 -25.63 -0.28
N HIS C 29 16.91 -24.89 0.55
CA HIS C 29 16.41 -24.46 1.84
C HIS C 29 16.26 -22.93 1.87
N PRO C 30 15.02 -22.43 1.93
CA PRO C 30 14.75 -20.98 1.94
C PRO C 30 15.40 -20.24 3.10
N THR C 31 15.64 -18.95 2.88
CA THR C 31 16.23 -18.10 3.89
C THR C 31 15.32 -18.04 5.10
N LYS C 32 15.93 -18.07 6.27
CA LYS C 32 15.19 -18.02 7.52
C LYS C 32 14.31 -16.78 7.61
N GLU C 33 13.11 -16.95 8.16
CA GLU C 33 12.19 -15.86 8.33
C GLU C 33 12.58 -15.02 9.52
N ILE C 34 12.54 -13.71 9.41
CA ILE C 34 12.85 -12.87 10.56
C ILE C 34 11.59 -12.08 10.85
N PHE C 35 11.54 -11.49 12.03
CA PHE C 35 10.37 -10.71 12.39
C PHE C 35 10.37 -9.35 11.73
N ILE C 36 9.28 -9.02 11.05
CA ILE C 36 9.15 -7.73 10.41
C ILE C 36 7.85 -7.12 10.89
N PRO C 37 7.91 -5.92 11.48
CA PRO C 37 6.66 -5.31 11.94
C PRO C 37 5.72 -4.99 10.78
N GLY C 38 4.42 -4.99 11.06
CA GLY C 38 3.46 -4.66 10.03
C GLY C 38 2.90 -5.75 9.16
N GLU C 39 2.90 -7.00 9.63
CA GLU C 39 2.36 -8.07 8.79
C GLU C 39 0.87 -7.89 8.60
N VAL C 40 0.40 -8.14 7.38
CA VAL C 40 -1.02 -8.05 7.04
C VAL C 40 -1.44 -9.46 6.69
N LYS C 41 -2.60 -9.89 7.19
CA LYS C 41 -3.06 -11.23 6.89
C LYS C 41 -4.35 -11.25 6.08
N ASN C 42 -5.10 -10.16 6.17
CA ASN C 42 -6.36 -10.08 5.46
C ASN C 42 -6.59 -8.64 5.03
N LEU C 43 -7.10 -8.46 3.82
CA LEU C 43 -7.35 -7.13 3.26
C LEU C 43 -8.32 -6.31 4.09
N ILE C 44 -9.13 -6.97 4.91
CA ILE C 44 -10.06 -6.23 5.73
C ILE C 44 -9.29 -5.30 6.66
N GLU C 45 -8.07 -5.69 7.00
CA GLU C 45 -7.25 -4.89 7.89
C GLU C 45 -7.00 -3.53 7.29
N MET C 46 -6.98 -3.47 5.96
CA MET C 46 -6.73 -2.20 5.29
C MET C 46 -8.00 -1.42 5.04
N CYS C 47 -9.13 -2.11 5.00
CA CYS C 47 -10.42 -1.46 4.78
C CYS C 47 -10.89 -0.80 6.04
N GLN C 48 -10.25 -1.10 7.16
CA GLN C 48 -10.67 -0.53 8.43
C GLN C 48 -9.90 0.72 8.82
N VAL C 49 -9.01 1.16 7.96
CA VAL C 49 -8.20 2.36 8.20
C VAL C 49 -8.72 3.54 7.38
N ASP C 50 -8.90 4.67 8.04
CA ASP C 50 -9.39 5.89 7.41
C ASP C 50 -8.42 6.44 6.37
N THR C 51 -8.94 6.82 5.21
CA THR C 51 -8.14 7.46 4.18
C THR C 51 -9.01 8.64 3.75
N LEU C 52 -8.39 9.63 3.11
CA LEU C 52 -9.10 10.82 2.68
C LEU C 52 -9.88 10.68 1.40
N ILE C 53 -11.05 11.31 1.37
CA ILE C 53 -11.90 11.30 0.20
C ILE C 53 -11.62 12.54 -0.64
N PRO C 54 -11.25 12.36 -1.92
CA PRO C 54 -10.98 13.51 -2.80
C PRO C 54 -12.34 14.07 -3.18
N ILE C 55 -13.07 14.51 -2.16
CA ILE C 55 -14.43 15.02 -2.32
C ILE C 55 -14.55 16.26 -3.18
N ASN C 56 -13.52 17.10 -3.17
CA ASN C 56 -13.56 18.33 -3.93
C ASN C 56 -12.77 18.18 -5.23
N SER C 57 -12.95 17.05 -5.90
CA SER C 57 -12.24 16.77 -7.13
C SER C 57 -12.88 17.39 -8.38
N THR C 58 -13.06 18.70 -8.38
CA THR C 58 -13.61 19.37 -9.56
C THR C 58 -12.40 19.41 -10.51
N GLN C 59 -12.65 19.58 -11.80
CA GLN C 59 -11.54 19.58 -12.75
C GLN C 59 -10.41 20.54 -12.39
N SER C 60 -10.73 21.70 -11.87
CA SER C 60 -9.67 22.64 -11.53
C SER C 60 -8.90 22.27 -10.27
N ASN C 61 -9.47 21.42 -9.42
CA ASN C 61 -8.80 21.03 -8.19
C ASN C 61 -7.95 19.79 -8.32
N ILE C 62 -8.31 18.91 -9.24
CA ILE C 62 -7.55 17.67 -9.41
C ILE C 62 -6.08 17.98 -9.67
N GLY C 63 -5.20 17.34 -8.89
CA GLY C 63 -3.77 17.56 -9.03
C GLY C 63 -3.29 18.55 -7.98
N ASN C 64 -4.15 18.81 -7.01
CA ASN C 64 -3.87 19.76 -5.94
C ASN C 64 -4.36 19.17 -4.62
N VAL C 65 -3.71 19.49 -3.50
CA VAL C 65 -4.18 18.94 -2.23
C VAL C 65 -5.59 19.47 -1.94
N SER C 66 -5.91 20.64 -2.49
CA SER C 66 -7.23 21.22 -2.25
C SER C 66 -8.39 20.35 -2.71
N MET C 67 -8.11 19.29 -3.48
CA MET C 67 -9.19 18.42 -3.93
C MET C 67 -9.68 17.58 -2.75
N TYR C 68 -8.92 17.61 -1.66
CA TYR C 68 -9.27 16.86 -0.47
C TYR C 68 -9.96 17.69 0.59
N THR C 69 -10.20 18.97 0.32
CA THR C 69 -10.84 19.80 1.33
C THR C 69 -12.13 20.46 0.89
N VAL C 70 -13.00 20.72 1.87
CA VAL C 70 -14.28 21.37 1.62
C VAL C 70 -14.20 22.66 2.41
N THR C 71 -14.57 23.77 1.78
CA THR C 71 -14.50 25.06 2.46
C THR C 71 -15.82 25.48 3.08
N LEU C 72 -15.74 25.97 4.31
CA LEU C 72 -16.91 26.42 5.03
C LEU C 72 -16.78 27.92 5.29
N SER C 73 -17.90 28.62 5.41
CA SER C 73 -17.86 30.05 5.63
C SER C 73 -19.18 30.59 6.14
N PRO C 74 -19.17 31.80 6.70
CA PRO C 74 -20.42 32.38 7.21
C PRO C 74 -21.45 32.45 6.08
N GLN C 75 -22.67 32.02 6.37
CA GLN C 75 -23.73 32.03 5.37
C GLN C 75 -24.65 33.21 5.59
N THR C 76 -25.34 33.61 4.52
CA THR C 76 -26.30 34.71 4.60
C THR C 76 -27.68 34.11 4.39
N LYS C 77 -27.72 32.85 3.98
CA LYS C 77 -28.97 32.12 3.78
C LYS C 77 -28.89 30.91 4.72
N LEU C 78 -29.98 30.59 5.39
CA LEU C 78 -29.97 29.46 6.31
C LEU C 78 -30.07 28.08 5.66
N ALA C 79 -29.66 27.06 6.40
CA ALA C 79 -29.74 25.68 5.95
C ALA C 79 -29.17 25.38 4.57
N GLU C 80 -28.10 26.05 4.19
CA GLU C 80 -27.50 25.82 2.88
C GLU C 80 -26.82 24.43 2.77
N GLU C 81 -26.84 23.87 1.57
CA GLU C 81 -26.21 22.57 1.33
C GLU C 81 -24.70 22.79 1.21
N ILE C 82 -23.90 21.87 1.76
CA ILE C 82 -22.45 21.99 1.71
C ILE C 82 -21.85 21.05 0.67
N PHE C 83 -22.25 19.78 0.70
CA PHE C 83 -21.78 18.83 -0.29
C PHE C 83 -22.73 17.65 -0.37
N ALA C 84 -22.59 16.85 -1.42
CA ALA C 84 -23.44 15.69 -1.60
C ALA C 84 -22.73 14.70 -2.48
N ILE C 85 -22.73 13.43 -2.06
CA ILE C 85 -22.08 12.39 -2.83
C ILE C 85 -22.86 11.09 -2.69
N LYS C 86 -22.57 10.15 -3.59
CA LYS C 86 -23.23 8.85 -3.55
C LYS C 86 -22.50 8.04 -2.50
N VAL C 87 -23.22 7.12 -1.88
CA VAL C 87 -22.63 6.30 -0.84
C VAL C 87 -21.96 5.07 -1.42
N ASP C 88 -22.28 4.77 -2.67
CA ASP C 88 -21.72 3.61 -3.35
C ASP C 88 -20.20 3.57 -3.26
N ILE C 89 -19.72 2.53 -2.56
CA ILE C 89 -18.31 2.32 -2.30
C ILE C 89 -17.32 2.48 -3.46
N ALA C 90 -17.71 2.12 -4.68
CA ALA C 90 -16.78 2.25 -5.79
C ALA C 90 -17.18 3.32 -6.78
N SER C 91 -18.05 4.23 -6.37
CA SER C 91 -18.47 5.31 -7.25
C SER C 91 -17.56 6.50 -6.94
N HIS C 92 -17.53 7.50 -7.81
CA HIS C 92 -16.69 8.66 -7.57
C HIS C 92 -17.45 9.63 -6.69
N PRO C 93 -16.75 10.33 -5.78
CA PRO C 93 -15.32 10.37 -5.49
C PRO C 93 -14.76 9.33 -4.49
N LEU C 94 -15.54 8.30 -4.16
CA LEU C 94 -15.06 7.30 -3.22
C LEU C 94 -14.08 6.31 -3.85
N ALA C 95 -14.21 6.13 -5.15
CA ALA C 95 -13.39 5.19 -5.91
C ALA C 95 -11.91 5.09 -5.57
N THR C 96 -11.21 6.21 -5.52
CA THR C 96 -9.77 6.16 -5.25
C THR C 96 -9.32 6.13 -3.80
N THR C 97 -10.26 6.05 -2.86
CA THR C 97 -9.88 5.96 -1.46
C THR C 97 -9.40 4.51 -1.31
N LEU C 98 -8.64 4.21 -0.25
CA LEU C 98 -8.14 2.85 -0.08
C LEU C 98 -9.22 1.79 -0.09
N ILE C 99 -10.32 2.05 0.60
CA ILE C 99 -11.42 1.09 0.64
C ILE C 99 -12.10 1.00 -0.71
N GLY C 100 -12.13 2.09 -1.46
CA GLY C 100 -12.76 2.07 -2.77
C GLY C 100 -11.91 1.29 -3.75
N GLU C 101 -10.60 1.44 -3.63
CA GLU C 101 -9.67 0.75 -4.51
C GLU C 101 -9.73 -0.76 -4.27
N ILE C 102 -9.76 -1.15 -3.01
CA ILE C 102 -9.84 -2.56 -2.65
C ILE C 102 -11.18 -3.15 -3.09
N ALA C 103 -12.26 -2.41 -2.87
CA ALA C 103 -13.58 -2.87 -3.26
C ALA C 103 -13.63 -3.08 -4.76
N SER C 104 -12.79 -2.36 -5.48
CA SER C 104 -12.76 -2.47 -6.93
C SER C 104 -12.04 -3.71 -7.42
N TYR C 105 -11.58 -4.54 -6.49
CA TYR C 105 -10.92 -5.79 -6.83
C TYR C 105 -11.90 -6.91 -6.51
N PHE C 106 -13.14 -6.51 -6.17
CA PHE C 106 -14.19 -7.45 -5.83
C PHE C 106 -15.49 -7.07 -6.52
N THR C 107 -16.37 -8.05 -6.71
CA THR C 107 -17.64 -7.82 -7.37
C THR C 107 -18.79 -7.44 -6.45
N HIS C 108 -18.80 -8.00 -5.25
CA HIS C 108 -19.86 -7.72 -4.27
C HIS C 108 -19.36 -7.07 -3.00
N TRP C 109 -20.23 -6.31 -2.36
CA TRP C 109 -19.87 -5.67 -1.10
C TRP C 109 -21.07 -5.67 -0.15
N THR C 110 -20.80 -5.43 1.12
CA THR C 110 -21.86 -5.41 2.11
C THR C 110 -21.28 -4.81 3.38
N GLY C 111 -22.16 -4.42 4.31
CA GLY C 111 -21.68 -3.86 5.56
C GLY C 111 -21.91 -2.37 5.69
N SER C 112 -21.53 -1.82 6.84
CA SER C 112 -21.73 -0.40 7.07
C SER C 112 -20.44 0.40 6.90
N LEU C 113 -20.60 1.63 6.43
CA LEU C 113 -19.47 2.51 6.19
C LEU C 113 -19.37 3.59 7.25
N ARG C 114 -18.14 3.98 7.54
CA ARG C 114 -17.85 4.99 8.55
C ARG C 114 -17.26 6.23 7.89
N PHE C 115 -18.01 7.33 7.90
CA PHE C 115 -17.53 8.57 7.32
C PHE C 115 -17.13 9.52 8.44
N SER C 116 -15.91 10.03 8.38
CA SER C 116 -15.46 10.95 9.41
C SER C 116 -15.11 12.30 8.83
N PHE C 117 -15.22 13.33 9.66
CA PHE C 117 -14.95 14.68 9.22
C PHE C 117 -14.19 15.46 10.27
N MET C 118 -13.07 16.05 9.87
CA MET C 118 -12.25 16.83 10.78
C MET C 118 -12.31 18.31 10.41
N PHE C 119 -12.67 19.14 11.37
CA PHE C 119 -12.75 20.59 11.14
C PHE C 119 -11.35 21.17 11.31
N CYS C 120 -10.97 22.09 10.42
CA CYS C 120 -9.63 22.67 10.48
C CYS C 120 -9.56 24.17 10.69
N GLY C 121 -10.67 24.77 11.10
CA GLY C 121 -10.66 26.20 11.35
C GLY C 121 -9.92 26.52 12.63
N THR C 122 -9.92 27.78 13.04
CA THR C 122 -9.23 28.15 14.26
C THR C 122 -9.93 27.57 15.47
N ALA C 123 -9.24 27.60 16.60
CA ALA C 123 -9.80 27.10 17.84
C ALA C 123 -10.97 27.95 18.28
N ASN C 124 -11.07 29.16 17.74
CA ASN C 124 -12.16 30.07 18.10
C ASN C 124 -13.34 30.06 17.14
N THR C 125 -13.25 29.24 16.10
CA THR C 125 -14.31 29.15 15.12
C THR C 125 -15.34 28.09 15.54
N THR C 126 -16.61 28.45 15.56
CA THR C 126 -17.64 27.49 15.94
C THR C 126 -18.52 27.14 14.74
N LEU C 127 -19.30 26.08 14.86
CA LEU C 127 -20.15 25.64 13.77
C LEU C 127 -20.94 24.37 14.12
N LYS C 128 -22.15 24.26 13.61
CA LYS C 128 -22.98 23.08 13.83
C LYS C 128 -23.44 22.67 12.45
N VAL C 129 -23.17 21.43 12.09
CA VAL C 129 -23.52 20.92 10.77
C VAL C 129 -24.37 19.68 10.87
N LEU C 130 -25.17 19.41 9.84
CA LEU C 130 -26.00 18.22 9.82
C LEU C 130 -25.52 17.31 8.71
N LEU C 131 -25.16 16.08 9.07
CA LEU C 131 -24.69 15.10 8.10
C LEU C 131 -25.80 14.06 7.98
N ALA C 132 -26.29 13.84 6.77
CA ALA C 132 -27.38 12.89 6.60
C ALA C 132 -27.16 11.84 5.54
N TYR C 133 -27.73 10.67 5.78
CA TYR C 133 -27.66 9.56 4.85
C TYR C 133 -29.09 9.26 4.40
N THR C 134 -29.30 9.25 3.09
CA THR C 134 -30.62 8.98 2.55
C THR C 134 -30.65 7.61 1.91
N PRO C 135 -31.40 6.67 2.50
CA PRO C 135 -31.48 5.33 1.92
C PRO C 135 -32.09 5.42 0.52
N PRO C 136 -31.85 4.41 -0.33
CA PRO C 136 -32.38 4.42 -1.69
C PRO C 136 -33.90 4.45 -1.85
N GLY C 137 -34.34 4.52 -3.10
CA GLY C 137 -35.76 4.56 -3.39
C GLY C 137 -36.31 5.98 -3.45
N ILE C 138 -35.44 6.98 -3.46
CA ILE C 138 -35.86 8.37 -3.52
C ILE C 138 -34.68 9.20 -4.01
N GLY C 139 -34.93 10.38 -4.57
CA GLY C 139 -33.85 11.20 -5.07
C GLY C 139 -33.07 11.83 -3.94
N LYS C 140 -31.93 12.43 -4.24
CA LYS C 140 -31.16 13.06 -3.17
C LYS C 140 -32.01 14.20 -2.61
N PRO C 141 -31.94 14.45 -1.29
CA PRO C 141 -32.73 15.51 -0.68
C PRO C 141 -32.43 16.87 -1.25
N ARG C 142 -33.47 17.68 -1.42
CA ARG C 142 -33.31 19.02 -1.97
C ARG C 142 -33.20 20.09 -0.90
N SER C 143 -33.46 19.72 0.35
CA SER C 143 -33.35 20.68 1.44
C SER C 143 -32.94 19.98 2.70
N ARG C 144 -32.54 20.76 3.70
CA ARG C 144 -32.14 20.18 4.96
C ARG C 144 -33.32 19.43 5.56
N LYS C 145 -34.53 20.00 5.45
CA LYS C 145 -35.68 19.34 6.02
C LYS C 145 -35.87 17.96 5.43
N GLU C 146 -35.68 17.85 4.13
CA GLU C 146 -35.84 16.58 3.45
C GLU C 146 -34.78 15.58 3.90
N ALA C 147 -33.53 16.03 3.96
CA ALA C 147 -32.41 15.17 4.36
C ALA C 147 -32.56 14.69 5.80
N MET C 148 -32.88 15.62 6.67
CA MET C 148 -33.04 15.39 8.10
C MET C 148 -34.03 14.27 8.45
N LEU C 149 -34.89 13.91 7.52
CA LEU C 149 -35.86 12.84 7.77
C LEU C 149 -35.22 11.47 7.69
N GLY C 150 -34.01 11.41 7.16
CA GLY C 150 -33.31 10.14 7.06
C GLY C 150 -32.36 9.95 8.22
N THR C 151 -31.35 9.11 8.04
CA THR C 151 -30.36 8.86 9.07
C THR C 151 -29.45 10.08 9.13
N HIS C 152 -29.16 10.59 10.32
CA HIS C 152 -28.29 11.74 10.38
C HIS C 152 -27.63 11.97 11.72
N VAL C 153 -26.64 12.86 11.71
CA VAL C 153 -25.88 13.23 12.89
C VAL C 153 -25.73 14.74 12.88
N VAL C 154 -25.93 15.38 14.02
CA VAL C 154 -25.73 16.83 14.11
C VAL C 154 -24.39 16.99 14.81
N TRP C 155 -23.44 17.53 14.07
CA TRP C 155 -22.08 17.73 14.55
C TRP C 155 -21.83 19.11 15.13
N ASP C 156 -21.39 19.15 16.38
CA ASP C 156 -21.08 20.41 17.04
C ASP C 156 -19.56 20.50 17.13
N VAL C 157 -18.99 21.48 16.45
CA VAL C 157 -17.54 21.66 16.47
C VAL C 157 -17.09 22.19 17.83
N GLY C 158 -16.07 21.56 18.41
CA GLY C 158 -15.57 21.99 19.71
C GLY C 158 -14.21 21.40 19.95
N LEU C 159 -13.85 21.16 21.22
CA LEU C 159 -12.53 20.61 21.55
C LEU C 159 -12.17 19.41 20.69
N GLN C 160 -13.13 18.53 20.47
CA GLN C 160 -12.84 17.38 19.65
C GLN C 160 -13.15 17.72 18.21
N SER C 161 -12.08 17.73 17.42
CA SER C 161 -12.13 18.09 16.02
C SER C 161 -12.91 17.21 15.07
N THR C 162 -12.97 15.92 15.36
CA THR C 162 -13.63 14.99 14.44
C THR C 162 -14.96 14.38 14.86
N VAL C 163 -15.80 14.07 13.88
CA VAL C 163 -17.09 13.44 14.10
C VAL C 163 -17.20 12.30 13.10
N SER C 164 -18.01 11.29 13.41
CA SER C 164 -18.18 10.17 12.49
C SER C 164 -19.65 9.91 12.26
N LEU C 165 -20.00 9.62 11.01
CA LEU C 165 -21.37 9.32 10.65
C LEU C 165 -21.29 7.91 10.12
N VAL C 166 -22.16 7.03 10.60
CA VAL C 166 -22.12 5.67 10.12
C VAL C 166 -23.27 5.47 9.16
N VAL C 167 -22.97 4.95 7.98
CA VAL C 167 -24.00 4.68 6.98
C VAL C 167 -24.30 3.20 7.22
N PRO C 168 -25.46 2.91 7.83
CA PRO C 168 -25.83 1.53 8.11
C PRO C 168 -26.14 0.74 6.85
N TRP C 169 -26.01 -0.57 6.92
CA TRP C 169 -26.33 -1.39 5.76
C TRP C 169 -27.84 -1.54 5.70
N ILE C 170 -28.46 -0.77 4.82
CA ILE C 170 -29.91 -0.83 4.63
C ILE C 170 -30.10 -1.19 3.18
N SER C 171 -30.29 -2.48 2.92
CA SER C 171 -30.45 -2.98 1.58
C SER C 171 -31.47 -4.09 1.55
N ALA C 172 -32.02 -4.38 0.37
CA ALA C 172 -32.99 -5.44 0.21
C ALA C 172 -32.21 -6.76 0.18
N SER C 173 -31.19 -6.80 -0.66
CA SER C 173 -30.33 -7.98 -0.82
C SER C 173 -29.17 -7.92 0.16
N GLN C 174 -28.64 -9.08 0.51
CA GLN C 174 -27.53 -9.18 1.45
C GLN C 174 -26.26 -8.50 0.96
N TYR C 175 -26.08 -8.44 -0.35
CA TYR C 175 -24.92 -7.80 -0.97
C TYR C 175 -25.36 -6.86 -2.08
N ARG C 176 -24.42 -6.06 -2.53
CA ARG C 176 -24.67 -5.12 -3.62
C ARG C 176 -23.48 -5.25 -4.56
N PHE C 177 -23.66 -4.80 -5.81
CA PHE C 177 -22.57 -4.85 -6.77
C PHE C 177 -21.66 -3.66 -6.46
N THR C 178 -20.35 -3.84 -6.59
CA THR C 178 -19.43 -2.73 -6.33
C THR C 178 -19.50 -1.76 -7.50
N THR C 179 -19.69 -2.30 -8.69
CA THR C 179 -19.79 -1.46 -9.88
C THR C 179 -21.18 -0.79 -9.92
N PRO C 180 -21.26 0.44 -10.44
CA PRO C 180 -22.53 1.19 -10.54
C PRO C 180 -23.66 0.35 -11.15
N ASP C 181 -24.69 0.07 -10.35
CA ASP C 181 -25.82 -0.73 -10.79
C ASP C 181 -27.12 -0.17 -10.17
N THR C 182 -28.05 0.23 -11.02
CA THR C 182 -29.32 0.81 -10.55
C THR C 182 -29.91 0.04 -9.38
N TYR C 183 -30.17 -1.25 -9.60
CA TYR C 183 -30.75 -2.10 -8.57
C TYR C 183 -30.03 -1.99 -7.23
N SER C 184 -28.71 -1.89 -7.24
CA SER C 184 -28.00 -1.81 -5.97
C SER C 184 -27.37 -0.48 -5.55
N SER C 185 -27.82 0.65 -6.10
CA SER C 185 -27.25 1.94 -5.66
C SER C 185 -27.64 2.10 -4.20
N ALA C 186 -26.68 2.46 -3.37
CA ALA C 186 -26.90 2.56 -1.93
C ALA C 186 -27.47 3.85 -1.35
N GLY C 187 -27.59 4.91 -2.14
CA GLY C 187 -28.14 6.14 -1.59
C GLY C 187 -27.16 7.30 -1.55
N TYR C 188 -27.48 8.31 -0.77
CA TYR C 188 -26.63 9.50 -0.69
C TYR C 188 -26.28 9.99 0.69
N ILE C 189 -25.27 10.85 0.72
CA ILE C 189 -24.80 11.49 1.94
C ILE C 189 -24.78 12.96 1.60
N THR C 190 -25.48 13.78 2.38
CA THR C 190 -25.50 15.20 2.13
C THR C 190 -25.12 15.92 3.41
N CYS C 191 -24.57 17.12 3.28
CA CYS C 191 -24.14 17.90 4.43
C CYS C 191 -24.82 19.27 4.36
N TRP C 192 -25.35 19.75 5.48
CA TRP C 192 -26.04 21.02 5.53
C TRP C 192 -25.64 21.83 6.75
N TYR C 193 -25.83 23.14 6.69
CA TYR C 193 -25.51 23.96 7.84
C TYR C 193 -26.66 23.78 8.82
N GLN C 194 -26.33 23.49 10.07
CA GLN C 194 -27.38 23.33 11.07
C GLN C 194 -27.63 24.72 11.63
N THR C 195 -26.55 25.42 11.99
CA THR C 195 -26.65 26.79 12.47
C THR C 195 -25.84 27.63 11.48
N ASN C 196 -24.62 28.00 11.87
CA ASN C 196 -23.78 28.79 10.99
C ASN C 196 -22.32 28.79 11.42
N PHE C 197 -21.45 29.13 10.49
CA PHE C 197 -20.03 29.21 10.72
C PHE C 197 -19.92 30.57 11.41
N VAL C 198 -19.41 30.61 12.63
CA VAL C 198 -19.29 31.88 13.35
C VAL C 198 -17.89 32.06 13.88
N VAL C 199 -17.36 33.29 13.76
CA VAL C 199 -16.01 33.61 14.22
C VAL C 199 -15.99 34.97 14.89
N PRO C 200 -14.99 35.22 15.74
CA PRO C 200 -14.92 36.54 16.39
C PRO C 200 -14.20 37.48 15.40
N PRO C 201 -14.00 38.75 15.78
CA PRO C 201 -13.33 39.61 14.82
C PRO C 201 -11.87 39.19 14.65
N ASN C 202 -11.23 39.60 13.56
CA ASN C 202 -9.82 39.29 13.30
C ASN C 202 -9.50 37.81 13.16
N THR C 203 -10.45 37.05 12.61
CA THR C 203 -10.28 35.62 12.43
C THR C 203 -10.67 35.26 11.01
N PRO C 204 -9.89 34.36 10.38
CA PRO C 204 -10.19 33.94 8.99
C PRO C 204 -11.66 33.65 8.81
N ASN C 205 -12.23 34.14 7.72
CA ASN C 205 -13.65 33.96 7.44
C ASN C 205 -14.01 32.71 6.67
N THR C 206 -13.04 31.81 6.50
CA THR C 206 -13.29 30.56 5.84
C THR C 206 -12.43 29.53 6.54
N ALA C 207 -12.82 28.27 6.44
CA ALA C 207 -12.08 27.20 7.06
C ALA C 207 -12.27 25.93 6.25
N GLU C 208 -11.28 25.04 6.32
CA GLU C 208 -11.32 23.78 5.59
C GLU C 208 -11.81 22.65 6.49
N MET C 209 -12.21 21.56 5.85
CA MET C 209 -12.70 20.39 6.56
C MET C 209 -12.22 19.18 5.76
N LEU C 210 -11.75 18.14 6.46
CA LEU C 210 -11.27 16.94 5.79
C LEU C 210 -12.28 15.82 5.94
N CYS C 211 -12.36 14.93 4.95
CA CYS C 211 -13.30 13.81 4.98
C CYS C 211 -12.65 12.45 4.83
N PHE C 212 -12.96 11.55 5.74
CA PHE C 212 -12.40 10.20 5.71
C PHE C 212 -13.48 9.15 5.56
N VAL C 213 -13.05 7.94 5.19
CA VAL C 213 -13.96 6.83 5.03
C VAL C 213 -13.23 5.54 5.35
N SER C 214 -13.94 4.60 5.96
CA SER C 214 -13.41 3.30 6.32
C SER C 214 -14.60 2.39 6.57
N GLY C 215 -14.37 1.08 6.68
CA GLY C 215 -15.47 0.15 6.88
C GLY C 215 -15.69 -0.25 8.33
N CYS C 216 -16.94 -0.54 8.67
CA CYS C 216 -17.27 -0.95 10.03
C CYS C 216 -17.02 -2.44 10.21
N LYS C 217 -17.30 -2.93 11.41
CA LYS C 217 -17.09 -4.33 11.73
C LYS C 217 -17.80 -5.28 10.79
N ASP C 218 -18.89 -4.84 10.16
CA ASP C 218 -19.61 -5.74 9.27
C ASP C 218 -19.23 -5.63 7.79
N PHE C 219 -18.27 -4.77 7.45
CA PHE C 219 -17.88 -4.62 6.06
C PHE C 219 -17.27 -5.90 5.52
N CYS C 220 -17.61 -6.25 4.29
CA CYS C 220 -17.12 -7.47 3.68
C CYS C 220 -17.21 -7.40 2.16
N LEU C 221 -16.19 -7.93 1.48
CA LEU C 221 -16.15 -7.94 0.03
C LEU C 221 -16.16 -9.38 -0.47
N ARG C 222 -16.66 -9.60 -1.69
CA ARG C 222 -16.77 -10.94 -2.23
C ARG C 222 -16.58 -11.04 -3.74
N MET C 223 -16.13 -12.20 -4.21
CA MET C 223 -15.89 -12.47 -5.64
C MET C 223 -14.80 -11.61 -6.29
N ALA C 224 -13.56 -12.05 -6.13
CA ALA C 224 -12.41 -11.33 -6.67
C ALA C 224 -12.51 -11.10 -8.17
N ARG C 225 -12.13 -9.91 -8.59
CA ARG C 225 -12.16 -9.53 -9.99
C ARG C 225 -11.04 -8.54 -10.24
N ASP C 226 -10.71 -8.31 -11.50
CA ASP C 226 -9.66 -7.35 -11.81
C ASP C 226 -10.25 -5.96 -11.74
N THR C 227 -9.43 -5.01 -11.31
CA THR C 227 -9.87 -3.63 -11.16
C THR C 227 -9.94 -2.86 -12.46
N ASP C 228 -10.87 -1.90 -12.50
CA ASP C 228 -11.03 -1.06 -13.66
C ASP C 228 -10.53 0.34 -13.30
N LEU C 229 -9.84 0.45 -12.16
CA LEU C 229 -9.31 1.74 -11.73
C LEU C 229 -7.84 1.91 -12.10
N HIS C 230 -7.32 1.00 -12.90
CA HIS C 230 -5.93 1.07 -13.35
C HIS C 230 -5.82 0.26 -14.64
N LYS C 231 -5.02 0.74 -15.58
CA LYS C 231 -4.87 0.04 -16.85
C LYS C 231 -3.44 0.05 -17.36
N GLN C 232 -3.23 -0.68 -18.44
CA GLN C 232 -1.92 -0.76 -19.07
C GLN C 232 -2.17 -0.61 -20.56
N THR C 233 -1.80 0.54 -21.11
CA THR C 233 -2.03 0.80 -22.52
C THR C 233 -0.81 0.50 -23.39
N GLY C 234 0.27 0.02 -22.79
CA GLY C 234 1.45 -0.28 -23.58
C GLY C 234 2.39 -1.21 -22.86
N PRO C 235 3.50 -1.60 -23.49
CA PRO C 235 4.39 -2.50 -22.75
C PRO C 235 5.13 -1.73 -21.67
N ILE C 236 5.49 -2.41 -20.60
CA ILE C 236 6.27 -1.80 -19.53
C ILE C 236 7.66 -2.36 -19.77
N THR C 237 8.59 -1.48 -20.09
CA THR C 237 9.95 -1.91 -20.41
C THR C 237 10.99 -1.60 -19.38
N GLN C 238 12.17 -2.15 -19.60
CA GLN C 238 13.29 -1.96 -18.69
C GLN C 238 13.89 -0.58 -18.95
N GLY D 1 2.69 -38.33 2.08
CA GLY D 1 2.57 -37.36 3.17
C GLY D 1 1.07 -37.22 3.33
N ALA D 2 0.60 -37.94 4.34
CA ALA D 2 -0.83 -38.00 4.62
C ALA D 2 -1.25 -37.60 6.04
N GLN D 3 -1.93 -36.45 6.15
CA GLN D 3 -2.38 -36.01 7.47
C GLN D 3 -3.81 -36.53 7.75
N VAL D 4 -3.90 -37.84 7.97
CA VAL D 4 -5.17 -38.51 8.22
C VAL D 4 -5.87 -38.15 9.54
N SER D 5 -7.00 -37.46 9.39
CA SER D 5 -7.84 -37.07 10.55
C SER D 5 -9.06 -38.02 10.57
N ARG D 6 -9.78 -38.04 11.69
CA ARG D 6 -10.96 -38.91 11.82
C ARG D 6 -12.04 -38.24 12.69
N GLN D 7 -13.31 -38.42 12.30
CA GLN D 7 -14.44 -37.84 13.04
C GLN D 7 -15.77 -38.58 12.77
N SER D 23 -17.98 -42.12 10.03
CA SER D 23 -16.76 -41.28 10.31
C SER D 23 -16.31 -40.41 9.10
N LEU D 24 -15.94 -39.15 9.38
CA LEU D 24 -15.47 -38.27 8.30
C LEU D 24 -13.93 -38.12 8.35
N ASN D 25 -13.25 -39.01 7.62
CA ASN D 25 -11.79 -38.99 7.57
C ASN D 25 -11.26 -37.97 6.55
N TYR D 26 -10.21 -37.25 6.97
CA TYR D 26 -9.58 -36.24 6.12
C TYR D 26 -8.20 -36.74 5.64
N PHE D 27 -7.90 -36.51 4.37
CA PHE D 27 -6.61 -36.95 3.84
C PHE D 27 -5.84 -35.81 3.18
N ASN D 28 -5.15 -35.04 4.01
CA ASN D 28 -4.37 -33.93 3.51
C ASN D 28 -3.03 -34.41 2.96
N ILE D 29 -3.06 -35.04 1.79
CA ILE D 29 -1.87 -35.59 1.14
C ILE D 29 -0.95 -34.58 0.46
N ASN D 30 0.36 -34.76 0.65
CA ASN D 30 1.35 -33.91 0.04
C ASN D 30 2.11 -34.88 -0.88
N TYR D 31 1.85 -34.79 -2.18
CA TYR D 31 2.43 -35.69 -3.17
C TYR D 31 3.92 -35.57 -3.48
N PHE D 32 4.52 -34.43 -3.19
CA PHE D 32 5.93 -34.25 -3.48
C PHE D 32 6.70 -33.97 -2.18
N LYS D 33 8.02 -34.10 -2.21
CA LYS D 33 8.77 -33.90 -0.97
C LYS D 33 9.28 -32.49 -0.69
N ASP D 34 8.70 -31.49 -1.34
CA ASP D 34 9.14 -30.12 -1.07
C ASP D 34 7.91 -29.36 -0.61
N ALA D 35 8.10 -28.45 0.35
CA ALA D 35 7.00 -27.68 0.88
C ALA D 35 6.43 -26.74 -0.17
N ALA D 36 7.28 -26.26 -1.08
CA ALA D 36 6.81 -25.35 -2.12
C ALA D 36 5.79 -26.00 -3.03
N SER D 37 5.88 -27.33 -3.15
CA SER D 37 4.99 -28.08 -4.02
C SER D 37 3.52 -28.10 -3.62
N SER D 38 3.23 -27.96 -2.34
CA SER D 38 1.85 -28.03 -1.89
C SER D 38 0.97 -26.87 -2.34
N GLY D 39 -0.33 -27.06 -2.25
CA GLY D 39 -1.28 -26.05 -2.67
C GLY D 39 -1.40 -24.85 -1.76
N ALA D 40 -2.47 -24.09 -1.96
CA ALA D 40 -2.74 -22.89 -1.18
C ALA D 40 -2.75 -23.19 0.31
N SER D 41 -2.34 -22.21 1.10
CA SER D 41 -2.29 -22.35 2.53
C SER D 41 -3.63 -22.24 3.23
N ARG D 42 -3.68 -22.81 4.43
CA ARG D 42 -4.88 -22.75 5.28
C ARG D 42 -4.89 -21.34 5.85
N LEU D 43 -6.01 -20.88 6.38
CA LEU D 43 -6.04 -19.50 6.90
C LEU D 43 -5.92 -19.25 8.41
N ASP D 44 -5.42 -18.04 8.72
CA ASP D 44 -5.25 -17.41 10.04
C ASP D 44 -3.95 -17.72 10.81
#